data_6JXD
#
_entry.id   6JXD
#
_cell.length_a   105.310
_cell.length_b   109.660
_cell.length_c   183.819
_cell.angle_alpha   90.00
_cell.angle_beta   90.00
_cell.angle_gamma   90.00
#
_symmetry.space_group_name_H-M   'P 21 21 21'
#
loop_
_entity.id
_entity.type
_entity.pdbx_description
1 polymer 'Histone H3.1'
2 polymer 'Histone H4'
3 polymer 'Histone H2A type 1-B/E'
4 polymer 'Histone H2B type 1-J'
5 polymer 'Histone H3.1'
6 polymer 'Histone H4'
7 polymer 'Histone H2A type 1-B/E'
8 polymer 'DNA (147-MER)'
9 polymer 'DNA (147-MER)'
10 non-polymer 'MANGANESE (II) ION'
11 water water
#
loop_
_entity_poly.entity_id
_entity_poly.type
_entity_poly.pdbx_seq_one_letter_code
_entity_poly.pdbx_strand_id
1 'polypeptide(L)'
;PHRYRPGTVALREIRRYQKSTELLIRKLPFQRLVREIAQDFKTDLRFQSSAVMALQEACEAYLVGLFEDTNLCAIHAKRV
TIMPKDIQLARRIRGERA
;
A
2 'polypeptide(L)'
;VLRDNIQGITKPAIRRLARRGGVKRISGLIYEETRGVLKVFLENVIRDAVTYTEHAKRKTVTAMDVVYALKRQGRTLYGF
GG
;
B
3 'polypeptide(L)'
;RKAKTRSSRAGLQFPVGRVHRLLRKGNYSERVGAGAPVYLAAVLEYLTAEILELAGNAARDNKKTRIIPRHLQLAIRNDE
ELNKLLGRVTIAQGGVLPNIQAVLLPK
;
C
4 'polypeptide(L)'
;RKRSRKESYSIYVYKVLKQVHPDTGISSKAMGIMNSFVNDIFERIAGEASRLAHYNKRSTITSREIQTAVRLLLPGELAK
HAVSEGTKAVTKYTSAK
;
D,H
5 'polypeptide(L)'
;PHRYRPGTVALREIRRYQKSTELLIRKLPFQRLVREIAQDFKTDLRFQSSAVMALQEACEAYLVGLFEDTNLCAIHAKRV
TIMPKDIQLARRIRGER
;
E
6 'polypeptide(L)'
;KRHRKVLRDNIQGITKPAIRRLARRGGVKRISGLIYEETRGVLKVFLENVIRDAVTYTEHAKRKTVTAMDVVYALKRQGR
TLYGFGG
;
F
7 'polypeptide(L)'
;KAKTRSSRAGLQFPVGRVHRLLRKGNYSERVGAGAPVYLAAVLEYLTAEILELAGNAARDNKKTRIIPRHLQLAIRNDEE
LNKLLGRVTIAQGGVLPNIQAVLLPK
;
G
8 'polydeoxyribonucleotide'
;(DC)(DA)(DT)(DA)(DT)(DA)(DT)(DC)(DC)(DC)(DG)(DG)(DT)(DG)(DC)(DC)(DG)(DA)(DG)(DG)
(DC)(DC)(DG)(DC)(DT)(DC)(DA)(DA)(DT)(DT)(DG)(DG)(DT)(DC)(DG)(DT)(DA)(DG)(DA)(DC)
(DA)(DG)(DC)(DT)(DC)(DT)(DA)(DG)(DC)(DA)(DC)(DC)(DG)(DC)(DT)(DT)(DA)(DA)(DA)(DC)
(DG)(DC)(DA)(DC)(DG)(DT)(DA)(DC)(DG)(DC)(DG)(DC)(DT)(DG)(DT)(DC)(DT)(DA)(DC)(DC)
(DG)(DC)(DG)(DT)(DT)(DT)(DT)(DA)(DA)(DC)(DC)(DG)(DC)(DC)(DA)(DC)(DT)(DA)(DG)(DA)
(DA)(DG)(DC)(DG)(DC)(DT)(DT)(DA)(DC)(DT)(DA)(DG)(DT)(DC)(DT)(DC)(DC)(DA)(DG)(DG)
(DC)(DA)(DC)(DG)(DT)(DG)(DT)(DG)(DA)(DG)(DA)(DC)(DC)(DG)(DG)(DC)(DA)(DT)(DA)(DT)
(DA)(DT)(DG)(DG)(DT)(DA)(DC)
;
I
9 'polydeoxyribonucleotide'
;(DC)(DA)(DT)(DA)(DT)(DA)(DT)(DG)(DC)(DC)(DG)(DG)(DT)(DC)(DT)(DC)(DA)(DC)(DA)(DC)
(DG)(DT)(DG)(DC)(DC)(DT)(DG)(DG)(DA)(DG)(DA)(DC)(DT)(DA)(DG)(DT)(DA)(DA)(DG)(DC)
(DG)(DC)(DT)(DT)(DC)(DT)(DA)(DG)(DT)(DG)(DG)(DC)(DG)(DG)(DT)(DT)(DA)(DA)(DA)(DA)
(DC)(DG)(DC)(DG)(DG)(DT)(DA)(DG)(DA)(DC)(DA)(DG)(DC)(DG)(DC)(DG)(DT)(DA)(DC)(DG)
(DT)(DG)(DC)(DG)(DT)(DT)(DT)(DA)(DA)(DG)(DC)(DG)(DG)(DT)(DG)(DC)(DT)(DA)(DG)(DA)
(DG)(DC)(DT)(DG)(DT)(DC)(DT)(DA)(DC)(DG)(DA)(DC)(DC)(DA)(DA)(DT)(DT)(DG)(DA)(DG)
(DC)(DG)(DG)(DC)(DC)(DT)(DC)(DG)(DG)(DC)(DA)(DC)(DC)(DG)(DG)(DG)(DA)(DT)(DA)(DT)
(DA)(DT)(DG)(DG)(DT)(DA)(DC)
;
J
#
# COMPACT_ATOMS: atom_id res chain seq x y z
N PRO A 1 0.19 30.69 46.98
CA PRO A 1 -0.10 30.37 45.56
C PRO A 1 -0.80 29.00 45.42
N HIS A 2 -1.26 28.67 44.20
CA HIS A 2 -1.81 27.34 43.85
C HIS A 2 -1.00 26.74 42.70
N ARG A 3 -0.65 25.45 42.83
CA ARG A 3 0.10 24.70 41.80
C ARG A 3 -0.52 23.30 41.66
N TYR A 4 -0.94 22.95 40.45
CA TYR A 4 -1.25 21.55 40.03
C TYR A 4 0.08 20.81 39.91
N ARG A 5 0.16 19.58 40.45
CA ARG A 5 1.37 18.72 40.43
C ARG A 5 1.75 18.48 38.97
N PRO A 6 3.06 18.27 38.64
CA PRO A 6 3.45 18.06 37.24
C PRO A 6 2.86 16.76 36.68
N GLY A 7 2.18 16.87 35.53
CA GLY A 7 1.51 15.75 34.86
C GLY A 7 0.01 15.94 34.77
N THR A 8 -0.55 16.75 35.68
CA THR A 8 -2.02 16.89 35.85
C THR A 8 -2.58 17.78 34.75
N VAL A 9 -1.88 18.86 34.41
CA VAL A 9 -2.32 19.75 33.30
C VAL A 9 -2.11 18.93 32.02
N ALA A 10 -0.94 18.30 31.89
CA ALA A 10 -0.61 17.49 30.69
C ALA A 10 -1.82 16.60 30.39
N LEU A 11 -2.35 15.89 31.39
CA LEU A 11 -3.50 14.97 31.22
C LEU A 11 -4.74 15.77 30.81
N ARG A 12 -4.98 16.93 31.41
CA ARG A 12 -6.17 17.75 31.05
C ARG A 12 -6.10 18.04 29.55
N GLU A 13 -4.94 18.54 29.11
CA GLU A 13 -4.64 18.94 27.70
C GLU A 13 -4.88 17.73 26.79
N ILE A 14 -4.42 16.55 27.16
CA ILE A 14 -4.69 15.32 26.36
C ILE A 14 -6.21 15.21 26.20
N ARG A 15 -6.92 15.15 27.34
CA ARG A 15 -8.39 14.93 27.36
C ARG A 15 -9.00 15.99 26.45
N ARG A 16 -8.52 17.22 26.58
CA ARG A 16 -9.09 18.41 25.89
C ARG A 16 -8.93 18.25 24.38
N TYR A 17 -7.72 17.90 23.92
CA TYR A 17 -7.36 17.95 22.48
C TYR A 17 -7.87 16.68 21.80
N GLN A 18 -8.04 15.59 22.55
CA GLN A 18 -8.59 14.32 22.01
C GLN A 18 -10.11 14.48 21.83
N LYS A 19 -10.69 15.48 22.50
CA LYS A 19 -12.14 15.79 22.54
C LYS A 19 -12.50 16.68 21.34
N SER A 20 -11.55 17.49 20.86
CA SER A 20 -11.74 18.49 19.78
C SER A 20 -11.14 17.99 18.46
N THR A 21 -11.43 18.71 17.38
CA THR A 21 -11.01 18.39 16.00
C THR A 21 -10.37 19.61 15.34
N GLU A 22 -10.13 20.70 16.07
CA GLU A 22 -9.61 21.95 15.45
C GLU A 22 -8.15 21.72 15.10
N LEU A 23 -7.65 22.39 14.06
CA LEU A 23 -6.21 22.31 13.72
C LEU A 23 -5.41 22.96 14.85
N LEU A 24 -4.24 22.41 15.13
CA LEU A 24 -3.42 22.72 16.33
C LEU A 24 -2.17 23.52 15.94
N ILE A 25 -1.85 23.59 14.64
CA ILE A 25 -0.85 24.53 14.07
C ILE A 25 -1.56 25.83 13.64
N ARG A 26 -0.92 26.97 13.87
CA ARG A 26 -1.43 28.30 13.42
C ARG A 26 -1.35 28.31 11.90
N LYS A 27 -2.42 28.74 11.23
CA LYS A 27 -2.65 28.60 9.76
C LYS A 27 -1.57 29.32 8.93
N LEU A 28 -1.17 30.53 9.31
CA LEU A 28 -0.27 31.41 8.51
C LEU A 28 1.18 30.90 8.58
N PRO A 29 1.75 30.56 9.75
CA PRO A 29 3.07 29.95 9.81
C PRO A 29 3.16 28.71 8.90
N PHE A 30 2.16 27.84 9.03
CA PHE A 30 2.04 26.60 8.21
C PHE A 30 2.04 27.01 6.75
N GLN A 31 1.22 28.00 6.39
CA GLN A 31 0.99 28.37 4.98
C GLN A 31 2.32 28.84 4.36
N ARG A 32 3.07 29.64 5.11
CA ARG A 32 4.38 30.20 4.67
C ARG A 32 5.37 29.05 4.49
N LEU A 33 5.29 28.01 5.33
CA LEU A 33 6.15 26.80 5.22
C LEU A 33 5.80 26.06 3.92
N VAL A 34 4.51 25.92 3.64
CA VAL A 34 4.06 25.20 2.40
C VAL A 34 4.61 25.95 1.18
N ARG A 35 4.48 27.27 1.15
CA ARG A 35 4.83 28.08 -0.03
C ARG A 35 6.34 27.99 -0.24
N GLU A 36 7.10 28.03 0.86
CA GLU A 36 8.58 27.93 0.92
C GLU A 36 9.03 26.61 0.32
N ILE A 37 8.51 25.49 0.85
CA ILE A 37 8.90 24.12 0.43
C ILE A 37 8.61 24.00 -1.06
N ALA A 38 7.45 24.48 -1.51
CA ALA A 38 7.00 24.41 -2.92
C ALA A 38 7.90 25.24 -3.86
N GLN A 39 8.34 26.46 -3.47
CA GLN A 39 9.26 27.31 -4.28
C GLN A 39 10.44 26.46 -4.75
N ASP A 40 10.89 25.51 -3.91
CA ASP A 40 12.12 24.72 -4.13
C ASP A 40 11.87 23.67 -5.22
N PHE A 41 10.65 23.58 -5.76
CA PHE A 41 10.27 22.60 -6.80
C PHE A 41 9.74 23.33 -8.05
N LYS A 42 8.89 24.33 -7.87
CA LYS A 42 8.40 25.19 -8.97
C LYS A 42 8.11 26.58 -8.43
N THR A 43 8.70 27.58 -9.09
CA THR A 43 8.64 29.02 -8.74
C THR A 43 7.31 29.61 -9.24
N ASP A 44 6.92 30.75 -8.66
CA ASP A 44 5.77 31.55 -9.15
C ASP A 44 4.53 30.64 -9.11
N LEU A 45 4.21 30.15 -7.92
CA LEU A 45 3.07 29.24 -7.69
C LEU A 45 2.05 29.95 -6.81
N ARG A 46 0.81 29.88 -7.25
CA ARG A 46 -0.41 30.17 -6.45
C ARG A 46 -0.97 28.88 -5.84
N PHE A 47 -1.61 28.97 -4.67
CA PHE A 47 -2.31 27.83 -4.05
C PHE A 47 -3.78 28.18 -3.78
N GLN A 48 -4.72 27.34 -4.20
CA GLN A 48 -6.12 27.35 -3.66
C GLN A 48 -6.05 27.38 -2.12
N SER A 49 -6.97 28.06 -1.45
CA SER A 49 -6.96 28.12 0.03
C SER A 49 -7.23 26.72 0.56
N SER A 50 -8.11 25.99 -0.12
CA SER A 50 -8.46 24.61 0.27
C SER A 50 -7.23 23.70 0.14
N ALA A 51 -6.28 24.00 -0.75
CA ALA A 51 -5.09 23.13 -0.94
C ALA A 51 -4.19 23.26 0.29
N VAL A 52 -4.13 24.44 0.89
CA VAL A 52 -3.27 24.63 2.09
C VAL A 52 -3.95 23.88 3.22
N MET A 53 -5.28 23.98 3.30
CA MET A 53 -6.09 23.34 4.37
C MET A 53 -5.97 21.82 4.26
N ALA A 54 -6.12 21.23 3.06
CA ALA A 54 -5.88 19.77 2.83
C ALA A 54 -4.50 19.38 3.36
N LEU A 55 -3.44 20.08 2.96
CA LEU A 55 -2.05 19.80 3.40
C LEU A 55 -1.94 19.86 4.92
N GLN A 56 -2.59 20.82 5.57
CA GLN A 56 -2.49 20.98 7.05
C GLN A 56 -3.26 19.85 7.74
N GLU A 57 -4.42 19.47 7.19
CA GLU A 57 -5.23 18.34 7.73
C GLU A 57 -4.38 17.07 7.66
N ALA A 58 -3.76 16.82 6.51
CA ALA A 58 -2.98 15.59 6.27
C ALA A 58 -1.75 15.57 7.20
N CYS A 59 -1.08 16.70 7.45
CA CYS A 59 0.18 16.76 8.24
C CYS A 59 -0.07 16.57 9.73
N GLU A 60 -1.07 17.26 10.24
CA GLU A 60 -1.48 17.17 11.65
C GLU A 60 -1.92 15.74 11.92
N ALA A 61 -2.70 15.15 11.00
CA ALA A 61 -3.24 13.79 11.16
C ALA A 61 -2.05 12.84 11.22
N TYR A 62 -1.11 12.99 10.27
CA TYR A 62 0.12 12.15 10.21
C TYR A 62 0.92 12.29 11.52
N LEU A 63 1.10 13.51 12.01
CA LEU A 63 1.98 13.76 13.19
C LEU A 63 1.32 13.20 14.43
N VAL A 64 0.00 13.32 14.53
CA VAL A 64 -0.79 12.78 15.70
C VAL A 64 -0.67 11.25 15.73
N GLY A 65 -0.88 10.60 14.58
CA GLY A 65 -0.66 9.16 14.45
C GLY A 65 0.74 8.80 14.93
N LEU A 66 1.75 9.54 14.48
CA LEU A 66 3.17 9.19 14.67
C LEU A 66 3.47 9.32 16.16
N PHE A 67 2.98 10.42 16.74
CA PHE A 67 3.04 10.64 18.21
C PHE A 67 2.40 9.47 18.96
N GLU A 68 1.26 8.94 18.53
CA GLU A 68 0.70 7.72 19.16
C GLU A 68 1.77 6.62 19.18
N ASP A 69 2.39 6.33 18.03
CA ASP A 69 3.32 5.17 17.87
C ASP A 69 4.59 5.40 18.64
N THR A 70 5.09 6.63 18.59
CA THR A 70 6.19 7.14 19.44
C THR A 70 5.83 6.87 20.91
N ASN A 71 4.68 7.35 21.38
CA ASN A 71 4.27 7.17 22.80
C ASN A 71 4.40 5.69 23.16
N LEU A 72 3.99 4.78 22.28
CA LEU A 72 4.07 3.31 22.53
C LEU A 72 5.51 2.85 22.69
N CYS A 73 6.43 3.42 21.90
CA CYS A 73 7.86 3.05 21.88
C CYS A 73 8.50 3.55 23.18
N ALA A 74 8.24 4.80 23.58
CA ALA A 74 8.62 5.33 24.92
C ALA A 74 8.20 4.32 26.01
N ILE A 75 6.89 4.04 26.10
CA ILE A 75 6.28 3.14 27.12
C ILE A 75 6.91 1.75 27.00
N HIS A 76 7.21 1.27 25.78
CA HIS A 76 7.86 -0.06 25.61
C HIS A 76 9.17 -0.05 26.40
N ALA A 77 9.83 1.11 26.47
CA ALA A 77 11.17 1.30 27.07
C ALA A 77 11.04 1.69 28.54
N LYS A 78 9.85 1.47 29.12
CA LYS A 78 9.54 1.72 30.55
C LYS A 78 9.71 3.23 30.82
N ARG A 79 9.18 4.08 29.96
CA ARG A 79 9.29 5.55 30.12
C ARG A 79 7.91 6.17 29.88
N VAL A 80 7.74 7.42 30.29
CA VAL A 80 6.48 8.18 30.09
C VAL A 80 6.75 9.35 29.15
N THR A 81 8.01 9.51 28.75
CA THR A 81 8.60 10.69 28.09
C THR A 81 9.04 10.26 26.70
N ILE A 82 8.42 10.80 25.66
CA ILE A 82 8.81 10.52 24.25
C ILE A 82 10.16 11.20 23.97
N MET A 83 11.08 10.45 23.37
CA MET A 83 12.41 10.95 22.91
C MET A 83 12.57 10.79 21.39
N PRO A 84 13.51 11.53 20.78
CA PRO A 84 13.75 11.39 19.34
C PRO A 84 13.87 9.93 18.90
N LYS A 85 14.51 9.08 19.72
CA LYS A 85 14.79 7.66 19.42
C LYS A 85 13.46 6.87 19.41
N ASP A 86 12.42 7.35 20.08
CA ASP A 86 11.05 6.77 19.97
C ASP A 86 10.48 7.10 18.58
N ILE A 87 10.62 8.33 18.10
CA ILE A 87 10.11 8.78 16.78
C ILE A 87 10.83 7.96 15.72
N GLN A 88 12.12 7.75 15.93
CA GLN A 88 13.03 7.12 14.95
C GLN A 88 12.58 5.66 14.77
N LEU A 89 12.39 4.93 15.87
CA LEU A 89 11.97 3.50 15.84
C LEU A 89 10.58 3.41 15.19
N ALA A 90 9.63 4.24 15.60
CA ALA A 90 8.30 4.26 14.97
C ALA A 90 8.52 4.38 13.46
N ARG A 91 9.33 5.33 13.04
CA ARG A 91 9.50 5.63 11.60
C ARG A 91 10.19 4.43 10.95
N ARG A 92 11.15 3.81 11.64
CA ARG A 92 11.90 2.67 11.03
C ARG A 92 10.89 1.55 10.80
N ILE A 93 10.07 1.24 11.81
CA ILE A 93 9.14 0.09 11.72
C ILE A 93 8.02 0.39 10.70
N ARG A 94 7.51 1.62 10.65
CA ARG A 94 6.52 2.03 9.60
C ARG A 94 7.06 1.88 8.16
N GLY A 95 8.37 1.83 7.96
CA GLY A 95 9.03 1.73 6.63
C GLY A 95 9.36 3.09 6.03
N GLU A 96 9.24 4.17 6.80
CA GLU A 96 9.52 5.55 6.33
C GLU A 96 11.03 5.71 6.31
N ARG A 97 11.67 5.32 7.41
CA ARG A 97 13.14 5.31 7.63
C ARG A 97 13.71 3.97 7.16
N ALA A 98 14.99 3.95 6.78
CA ALA A 98 15.79 2.72 6.55
C ALA A 98 16.64 2.45 7.80
N ARG B 3 14.61 31.90 12.82
CA ARG B 3 14.18 32.98 11.87
C ARG B 3 13.35 32.36 10.73
N ASP B 4 13.76 31.15 10.28
CA ASP B 4 13.17 30.33 9.18
C ASP B 4 11.70 29.98 9.50
N ASN B 5 10.95 29.56 8.47
CA ASN B 5 9.48 29.34 8.53
C ASN B 5 9.13 28.07 9.30
N ILE B 6 9.98 27.05 9.21
CA ILE B 6 9.89 25.77 9.97
C ILE B 6 9.80 26.08 11.47
N GLN B 7 10.41 27.17 11.96
CA GLN B 7 10.35 27.55 13.41
C GLN B 7 8.95 28.09 13.72
N GLY B 8 8.21 28.45 12.68
CA GLY B 8 6.77 28.82 12.75
C GLY B 8 5.96 27.70 13.37
N ILE B 9 6.45 26.45 13.28
CA ILE B 9 5.85 25.27 13.95
C ILE B 9 6.45 25.23 15.35
N THR B 10 5.75 25.87 16.27
CA THR B 10 6.22 26.25 17.63
C THR B 10 6.21 25.01 18.55
N LYS B 11 7.04 25.07 19.58
CA LYS B 11 7.10 24.14 20.73
C LYS B 11 5.67 23.90 21.25
N PRO B 12 4.83 24.94 21.46
CA PRO B 12 3.44 24.72 21.85
C PRO B 12 2.54 23.96 20.86
N ALA B 13 2.51 24.37 19.58
CA ALA B 13 1.76 23.66 18.52
C ALA B 13 2.20 22.18 18.47
N ILE B 14 3.49 21.91 18.65
CA ILE B 14 3.98 20.50 18.63
C ILE B 14 3.46 19.78 19.88
N ARG B 15 3.46 20.43 21.04
CA ARG B 15 2.83 19.93 22.29
C ARG B 15 1.38 19.52 22.02
N ARG B 16 0.57 20.46 21.54
CA ARG B 16 -0.86 20.23 21.22
C ARG B 16 -0.98 18.93 20.39
N LEU B 17 -0.25 18.83 19.28
CA LEU B 17 -0.25 17.62 18.41
C LEU B 17 0.14 16.38 19.23
N ALA B 18 1.17 16.45 20.09
CA ALA B 18 1.60 15.29 20.91
C ALA B 18 0.46 14.89 21.85
N ARG B 19 -0.27 15.86 22.38
CA ARG B 19 -1.35 15.64 23.38
C ARG B 19 -2.52 14.95 22.72
N ARG B 20 -2.88 15.38 21.53
CA ARG B 20 -3.94 14.70 20.73
C ARG B 20 -3.53 13.24 20.48
N GLY B 21 -2.24 12.96 20.28
CA GLY B 21 -1.72 11.59 20.26
C GLY B 21 -1.36 11.06 21.64
N GLY B 22 -1.83 11.69 22.71
CA GLY B 22 -1.88 11.05 24.05
C GLY B 22 -0.55 11.04 24.77
N VAL B 23 0.34 11.92 24.36
CA VAL B 23 1.68 12.10 24.99
C VAL B 23 1.54 12.98 26.24
N LYS B 24 2.04 12.50 27.37
CA LYS B 24 1.94 13.16 28.70
C LYS B 24 3.19 14.02 28.91
N ARG B 25 4.38 13.48 28.58
CA ARG B 25 5.70 14.10 28.86
C ARG B 25 6.53 14.12 27.57
N ILE B 26 7.21 15.23 27.26
CA ILE B 26 7.90 15.48 25.95
C ILE B 26 9.31 16.00 26.22
N SER B 27 10.33 15.19 25.96
CA SER B 27 11.76 15.59 25.93
C SER B 27 11.93 16.80 25.00
N GLY B 28 12.84 17.71 25.36
CA GLY B 28 13.11 18.96 24.62
C GLY B 28 13.68 18.71 23.23
N LEU B 29 14.38 17.61 23.01
CA LEU B 29 14.93 17.29 21.66
C LEU B 29 13.81 16.99 20.64
N ILE B 30 12.59 16.65 21.09
CA ILE B 30 11.45 16.24 20.22
C ILE B 30 11.14 17.33 19.17
N TYR B 31 11.16 18.61 19.56
CA TYR B 31 10.57 19.70 18.74
C TYR B 31 11.35 19.86 17.42
N GLU B 32 12.67 19.84 17.49
CA GLU B 32 13.49 19.91 16.27
C GLU B 32 13.26 18.61 15.48
N GLU B 33 13.21 17.48 16.19
CA GLU B 33 13.02 16.16 15.56
C GLU B 33 11.69 16.17 14.78
N THR B 34 10.62 16.69 15.36
CA THR B 34 9.30 16.77 14.72
C THR B 34 9.37 17.70 13.50
N ARG B 35 10.06 18.83 13.66
CA ARG B 35 10.27 19.84 12.58
C ARG B 35 10.88 19.11 11.39
N GLY B 36 11.95 18.37 11.57
CA GLY B 36 12.61 17.64 10.47
C GLY B 36 11.69 16.61 9.80
N VAL B 37 10.90 15.87 10.59
CA VAL B 37 9.96 14.81 10.09
C VAL B 37 8.84 15.47 9.29
N LEU B 38 8.29 16.53 9.86
CA LEU B 38 7.21 17.32 9.24
C LEU B 38 7.71 17.85 7.90
N LYS B 39 8.95 18.35 7.84
CA LYS B 39 9.51 18.94 6.59
C LYS B 39 9.59 17.84 5.53
N VAL B 40 10.11 16.67 5.88
CA VAL B 40 10.21 15.54 4.90
C VAL B 40 8.80 15.18 4.43
N PHE B 41 7.83 15.22 5.33
CA PHE B 41 6.44 14.86 5.00
C PHE B 41 5.89 15.88 4.00
N LEU B 42 6.06 17.16 4.28
CA LEU B 42 5.54 18.21 3.37
C LEU B 42 6.31 18.18 2.05
N GLU B 43 7.62 17.99 2.12
CA GLU B 43 8.46 17.86 0.93
C GLU B 43 7.85 16.79 0.05
N ASN B 44 7.72 15.55 0.55
CA ASN B 44 7.31 14.40 -0.31
C ASN B 44 5.95 14.71 -0.94
N VAL B 45 5.02 15.24 -0.15
CA VAL B 45 3.60 15.45 -0.56
C VAL B 45 3.54 16.59 -1.57
N ILE B 46 4.08 17.77 -1.22
CA ILE B 46 4.09 18.98 -2.10
C ILE B 46 4.81 18.65 -3.42
N ARG B 47 5.88 17.86 -3.37
CA ARG B 47 6.66 17.49 -4.59
C ARG B 47 5.69 16.88 -5.61
N ASP B 48 4.93 15.87 -5.19
CA ASP B 48 3.97 15.14 -6.04
C ASP B 48 2.81 16.09 -6.40
N ALA B 49 2.31 16.89 -5.45
CA ALA B 49 1.21 17.85 -5.70
C ALA B 49 1.67 18.76 -6.85
N VAL B 50 2.86 19.32 -6.72
CA VAL B 50 3.36 20.29 -7.74
C VAL B 50 3.58 19.57 -9.07
N THR B 51 4.04 18.30 -9.04
CA THR B 51 4.25 17.52 -10.26
C THR B 51 2.92 17.42 -11.02
N TYR B 52 1.83 17.33 -10.28
CA TYR B 52 0.47 17.21 -10.86
C TYR B 52 0.09 18.57 -11.43
N THR B 53 0.41 19.65 -10.72
CA THR B 53 0.16 21.05 -11.17
C THR B 53 0.89 21.31 -12.49
N GLU B 54 2.17 20.97 -12.57
CA GLU B 54 3.01 21.15 -13.79
C GLU B 54 2.37 20.37 -14.91
N HIS B 55 1.78 19.20 -14.62
CA HIS B 55 1.30 18.31 -15.71
C HIS B 55 0.02 18.91 -16.30
N ALA B 56 -0.82 19.52 -15.47
CA ALA B 56 -2.03 20.27 -15.90
C ALA B 56 -1.65 21.63 -16.49
N LYS B 57 -0.36 21.95 -16.61
CA LYS B 57 0.12 23.26 -17.11
C LYS B 57 -0.64 24.35 -16.36
N ARG B 58 -0.50 24.36 -15.03
CA ARG B 58 -1.16 25.34 -14.15
C ARG B 58 -0.09 26.01 -13.30
N LYS B 59 -0.40 27.18 -12.76
CA LYS B 59 0.50 27.93 -11.86
C LYS B 59 -0.16 28.01 -10.48
N THR B 60 -1.28 27.30 -10.31
CA THR B 60 -2.04 27.24 -9.04
C THR B 60 -2.12 25.77 -8.57
N VAL B 61 -1.60 25.47 -7.40
CA VAL B 61 -1.77 24.13 -6.78
C VAL B 61 -3.23 24.04 -6.34
N THR B 62 -4.00 23.06 -6.86
CA THR B 62 -5.39 22.77 -6.41
C THR B 62 -5.43 21.72 -5.29
N ALA B 63 -6.48 21.78 -4.48
CA ALA B 63 -6.84 20.76 -3.47
C ALA B 63 -6.68 19.38 -4.09
N MET B 64 -7.19 19.21 -5.31
CA MET B 64 -7.15 17.89 -6.00
C MET B 64 -5.71 17.45 -6.25
N ASP B 65 -4.78 18.37 -6.55
CA ASP B 65 -3.34 18.01 -6.69
C ASP B 65 -2.84 17.44 -5.35
N VAL B 66 -3.16 18.12 -4.24
CA VAL B 66 -2.79 17.65 -2.87
C VAL B 66 -3.49 16.32 -2.59
N VAL B 67 -4.75 16.16 -2.98
CA VAL B 67 -5.51 14.90 -2.71
C VAL B 67 -4.86 13.75 -3.47
N TYR B 68 -4.48 13.96 -4.73
CA TYR B 68 -3.92 12.87 -5.56
C TYR B 68 -2.55 12.49 -5.03
N ALA B 69 -1.83 13.50 -4.56
CA ALA B 69 -0.46 13.36 -4.01
C ALA B 69 -0.54 12.56 -2.70
N LEU B 70 -1.49 12.91 -1.83
CA LEU B 70 -1.70 12.16 -0.57
C LEU B 70 -2.10 10.70 -0.90
N LYS B 71 -2.97 10.48 -1.89
CA LYS B 71 -3.35 9.10 -2.29
C LYS B 71 -2.09 8.29 -2.63
N ARG B 72 -1.28 8.78 -3.56
CA ARG B 72 -0.04 8.14 -4.06
C ARG B 72 0.87 7.70 -2.91
N GLN B 73 0.99 8.55 -1.90
CA GLN B 73 1.87 8.34 -0.72
C GLN B 73 1.20 7.53 0.41
N GLY B 74 0.01 6.95 0.19
CA GLY B 74 -0.68 6.12 1.20
C GLY B 74 -1.20 6.96 2.34
N ARG B 75 -1.64 8.17 2.05
CA ARG B 75 -2.20 9.09 3.05
C ARG B 75 -3.50 9.71 2.52
N THR B 76 -4.30 8.90 1.85
CA THR B 76 -5.68 9.23 1.40
C THR B 76 -6.37 10.14 2.41
N LEU B 77 -6.84 11.31 1.95
CA LEU B 77 -7.55 12.35 2.74
C LEU B 77 -8.95 12.51 2.17
N TYR B 78 -9.97 12.26 2.99
CA TYR B 78 -11.40 12.49 2.63
C TYR B 78 -11.74 13.93 2.98
N GLY B 79 -12.49 14.60 2.11
CA GLY B 79 -13.21 15.84 2.42
C GLY B 79 -12.74 17.03 1.61
N PHE B 80 -11.99 16.80 0.53
CA PHE B 80 -11.43 17.87 -0.32
C PHE B 80 -11.61 17.59 -1.82
N GLY B 81 -12.41 16.55 -2.18
CA GLY B 81 -12.75 16.19 -3.57
C GLY B 81 -12.23 14.80 -3.99
N GLY B 82 -11.59 14.04 -3.10
CA GLY B 82 -11.49 12.59 -3.37
C GLY B 82 -12.68 12.06 -4.17
N ARG C 1 9.85 -2.26 -49.89
CA ARG C 1 9.07 -1.88 -48.64
C ARG C 1 10.05 -1.88 -47.46
N LYS C 2 9.57 -1.86 -46.21
CA LYS C 2 10.46 -1.76 -45.02
C LYS C 2 10.22 -2.94 -44.07
N ALA C 3 9.40 -2.75 -43.02
CA ALA C 3 9.37 -3.55 -41.77
C ALA C 3 10.76 -3.53 -41.15
N LYS C 4 11.00 -2.64 -40.18
CA LYS C 4 12.31 -2.58 -39.47
C LYS C 4 12.13 -2.56 -37.94
N THR C 5 10.90 -2.54 -37.41
CA THR C 5 10.57 -2.54 -35.96
C THR C 5 10.77 -1.15 -35.37
N ARG C 6 9.75 -0.63 -34.67
CA ARG C 6 9.83 0.66 -33.92
C ARG C 6 11.01 0.65 -32.93
N SER C 7 11.42 -0.53 -32.44
CA SER C 7 12.59 -0.68 -31.54
C SER C 7 13.85 -0.17 -32.23
N SER C 8 14.09 -0.63 -33.46
CA SER C 8 15.18 -0.16 -34.36
C SER C 8 15.15 1.36 -34.43
N ARG C 9 13.99 1.93 -34.78
CA ARG C 9 13.88 3.38 -35.08
C ARG C 9 14.14 4.20 -33.82
N ALA C 10 13.82 3.68 -32.63
CA ALA C 10 14.03 4.35 -31.32
C ALA C 10 15.40 3.99 -30.79
N GLY C 11 15.98 2.91 -31.31
CA GLY C 11 17.34 2.52 -30.93
C GLY C 11 17.35 1.81 -29.60
N LEU C 12 16.38 0.91 -29.44
CA LEU C 12 16.10 0.20 -28.16
C LEU C 12 16.21 -1.29 -28.40
N GLN C 13 16.59 -2.04 -27.35
CA GLN C 13 16.57 -3.52 -27.31
C GLN C 13 15.17 -3.96 -26.87
N PHE C 14 14.50 -3.18 -26.03
CA PHE C 14 13.15 -3.53 -25.50
C PHE C 14 12.11 -3.33 -26.60
N PRO C 15 11.09 -4.20 -26.67
CA PRO C 15 10.20 -4.32 -27.82
C PRO C 15 9.09 -3.28 -27.74
N VAL C 16 9.13 -2.28 -28.63
CA VAL C 16 8.19 -1.13 -28.60
C VAL C 16 6.80 -1.64 -28.98
N GLY C 17 6.71 -2.52 -29.98
CA GLY C 17 5.41 -3.00 -30.50
C GLY C 17 4.62 -3.67 -29.40
N ARG C 18 5.24 -4.67 -28.77
CA ARG C 18 4.72 -5.40 -27.57
C ARG C 18 4.29 -4.37 -26.53
N VAL C 19 5.14 -3.41 -26.21
CA VAL C 19 4.80 -2.43 -25.15
C VAL C 19 3.52 -1.68 -25.55
N HIS C 20 3.40 -1.26 -26.81
CA HIS C 20 2.20 -0.53 -27.34
C HIS C 20 0.97 -1.44 -27.24
N ARG C 21 1.14 -2.75 -27.45
CA ARG C 21 0.00 -3.68 -27.43
C ARG C 21 -0.47 -3.80 -25.98
N LEU C 22 0.47 -4.06 -25.09
CA LEU C 22 0.20 -4.19 -23.64
C LEU C 22 -0.48 -2.92 -23.17
N LEU C 23 -0.04 -1.73 -23.56
CA LEU C 23 -0.74 -0.49 -23.10
C LEU C 23 -2.19 -0.51 -23.59
N ARG C 24 -2.40 -0.84 -24.87
CA ARG C 24 -3.75 -0.79 -25.50
C ARG C 24 -4.65 -1.88 -24.90
N LYS C 25 -4.13 -3.10 -24.72
CA LYS C 25 -4.88 -4.28 -24.19
C LYS C 25 -4.91 -4.28 -22.65
N GLY C 26 -4.54 -3.17 -22.01
CA GLY C 26 -4.39 -3.09 -20.54
C GLY C 26 -5.39 -2.15 -19.90
N ASN C 27 -6.23 -1.48 -20.70
CA ASN C 27 -7.32 -0.63 -20.15
C ASN C 27 -6.67 0.37 -19.21
N TYR C 28 -6.00 1.36 -19.79
CA TYR C 28 -5.31 2.49 -19.11
C TYR C 28 -5.88 3.82 -19.63
N SER C 29 -6.30 3.83 -20.89
CA SER C 29 -6.94 4.99 -21.56
C SER C 29 -7.65 4.52 -22.84
N GLU C 30 -8.57 5.33 -23.36
CA GLU C 30 -9.18 5.10 -24.69
C GLU C 30 -8.05 4.88 -25.69
N ARG C 31 -7.09 5.81 -25.70
CA ARG C 31 -6.10 6.00 -26.80
C ARG C 31 -4.69 5.96 -26.22
N VAL C 32 -3.73 5.43 -26.99
CA VAL C 32 -2.28 5.44 -26.64
C VAL C 32 -1.50 6.09 -27.79
N GLY C 33 -0.84 7.22 -27.50
CA GLY C 33 0.08 7.94 -28.40
C GLY C 33 1.21 7.06 -28.90
N ALA C 34 1.89 7.49 -29.97
CA ALA C 34 2.94 6.70 -30.64
C ALA C 34 4.23 6.75 -29.81
N GLY C 35 4.44 7.86 -29.09
CA GLY C 35 5.64 8.09 -28.26
C GLY C 35 5.61 7.33 -26.94
N ALA C 36 4.42 7.19 -26.32
CA ALA C 36 4.19 6.50 -25.03
C ALA C 36 4.99 5.20 -24.98
N PRO C 37 4.71 4.19 -25.82
CA PRO C 37 5.38 2.90 -25.69
C PRO C 37 6.89 2.97 -25.96
N VAL C 38 7.32 3.95 -26.76
CA VAL C 38 8.75 4.20 -27.04
C VAL C 38 9.39 4.60 -25.70
N TYR C 39 8.83 5.65 -25.11
CA TYR C 39 9.32 6.24 -23.86
C TYR C 39 9.34 5.14 -22.79
N LEU C 40 8.25 4.38 -22.68
CA LEU C 40 8.11 3.33 -21.66
C LEU C 40 9.18 2.26 -21.87
N ALA C 41 9.28 1.73 -23.07
CA ALA C 41 10.23 0.63 -23.39
C ALA C 41 11.64 1.11 -23.03
N ALA C 42 11.91 2.41 -23.17
CA ALA C 42 13.26 2.97 -22.93
C ALA C 42 13.54 2.99 -21.42
N VAL C 43 12.54 3.34 -20.61
CA VAL C 43 12.66 3.36 -19.13
C VAL C 43 12.83 1.93 -18.64
N LEU C 44 12.06 0.99 -19.16
CA LEU C 44 12.19 -0.41 -18.68
C LEU C 44 13.59 -0.93 -19.04
N GLU C 45 14.10 -0.55 -20.19
CA GLU C 45 15.45 -0.97 -20.67
C GLU C 45 16.51 -0.30 -19.78
N TYR C 46 16.39 0.99 -19.49
CA TYR C 46 17.34 1.67 -18.59
C TYR C 46 17.36 0.93 -17.25
N LEU C 47 16.20 0.65 -16.63
CA LEU C 47 16.20 0.06 -15.27
C LEU C 47 16.78 -1.35 -15.32
N THR C 48 16.46 -2.10 -16.36
CA THR C 48 17.03 -3.45 -16.53
C THR C 48 18.56 -3.37 -16.56
N ALA C 49 19.12 -2.50 -17.42
CA ALA C 49 20.58 -2.39 -17.60
C ALA C 49 21.20 -2.02 -16.26
N GLU C 50 20.64 -1.01 -15.62
CA GLU C 50 21.09 -0.56 -14.29
C GLU C 50 21.16 -1.76 -13.35
N ILE C 51 20.11 -2.61 -13.26
CA ILE C 51 20.18 -3.65 -12.21
C ILE C 51 21.09 -4.78 -12.70
N LEU C 52 21.07 -5.13 -13.99
CA LEU C 52 21.97 -6.17 -14.55
C LEU C 52 23.46 -5.79 -14.40
N GLU C 53 23.78 -4.50 -14.52
CA GLU C 53 25.16 -4.00 -14.27
C GLU C 53 25.57 -4.37 -12.83
N LEU C 54 24.84 -3.88 -11.81
CA LEU C 54 25.17 -4.13 -10.38
C LEU C 54 25.12 -5.65 -10.10
N ALA C 55 24.22 -6.37 -10.72
CA ALA C 55 24.01 -7.77 -10.36
C ALA C 55 25.16 -8.59 -10.95
N GLY C 56 25.65 -8.23 -12.13
CA GLY C 56 26.79 -8.92 -12.77
C GLY C 56 28.05 -8.73 -11.97
N ASN C 57 28.21 -7.54 -11.40
CA ASN C 57 29.33 -7.18 -10.48
C ASN C 57 29.24 -8.08 -9.24
N ALA C 58 28.03 -8.30 -8.75
CA ALA C 58 27.83 -9.14 -7.56
C ALA C 58 28.21 -10.57 -7.94
N ALA C 59 27.79 -11.05 -9.11
CA ALA C 59 28.08 -12.42 -9.58
C ALA C 59 29.60 -12.60 -9.65
N ARG C 60 30.30 -11.61 -10.20
CA ARG C 60 31.77 -11.67 -10.41
C ARG C 60 32.49 -11.61 -9.04
N ASP C 61 32.12 -10.70 -8.13
CA ASP C 61 32.67 -10.68 -6.75
C ASP C 61 32.56 -12.08 -6.16
N ASN C 62 31.45 -12.76 -6.47
CA ASN C 62 31.05 -14.08 -5.95
C ASN C 62 31.64 -15.20 -6.82
N LYS C 63 32.61 -14.87 -7.69
CA LYS C 63 33.37 -15.84 -8.52
C LYS C 63 32.42 -16.71 -9.36
N LYS C 64 31.31 -16.16 -9.84
CA LYS C 64 30.34 -16.91 -10.69
C LYS C 64 30.14 -16.19 -12.01
N THR C 65 29.86 -16.96 -13.04
CA THR C 65 29.51 -16.57 -14.42
C THR C 65 28.08 -16.06 -14.47
N ARG C 66 27.19 -16.64 -13.64
CA ARG C 66 25.72 -16.52 -13.81
C ARG C 66 25.13 -15.68 -12.67
N ILE C 67 24.31 -14.73 -13.04
CA ILE C 67 23.46 -13.98 -12.09
C ILE C 67 22.43 -14.98 -11.54
N ILE C 68 22.40 -15.10 -10.21
CA ILE C 68 21.34 -15.83 -9.46
C ILE C 68 20.58 -14.80 -8.64
N PRO C 69 19.39 -15.17 -8.12
CA PRO C 69 18.56 -14.21 -7.39
C PRO C 69 19.30 -13.54 -6.23
N ARG C 70 20.20 -14.24 -5.56
CA ARG C 70 20.97 -13.59 -4.49
C ARG C 70 21.75 -12.39 -5.07
N HIS C 71 22.31 -12.51 -6.27
CA HIS C 71 23.09 -11.40 -6.86
C HIS C 71 22.15 -10.22 -7.13
N LEU C 72 20.89 -10.48 -7.49
CA LEU C 72 19.94 -9.37 -7.77
C LEU C 72 19.58 -8.67 -6.44
N GLN C 73 19.56 -9.44 -5.34
CA GLN C 73 19.19 -8.94 -3.99
C GLN C 73 20.32 -8.05 -3.45
N LEU C 74 21.52 -8.59 -3.38
CA LEU C 74 22.77 -7.80 -3.11
C LEU C 74 22.78 -6.49 -3.93
N ALA C 75 22.52 -6.56 -5.22
CA ALA C 75 22.51 -5.38 -6.10
C ALA C 75 21.46 -4.39 -5.60
N ILE C 76 20.25 -4.86 -5.40
CA ILE C 76 19.10 -3.96 -5.17
C ILE C 76 19.25 -3.37 -3.78
N ARG C 77 19.61 -4.17 -2.78
CA ARG C 77 19.51 -3.76 -1.35
C ARG C 77 20.70 -2.86 -1.00
N ASN C 78 21.78 -2.99 -1.77
CA ASN C 78 23.01 -2.17 -1.58
C ASN C 78 22.95 -0.90 -2.43
N ASP C 79 21.95 -0.74 -3.30
CA ASP C 79 21.75 0.53 -4.03
C ASP C 79 20.61 1.29 -3.36
N GLU C 80 20.85 2.53 -2.97
CA GLU C 80 19.84 3.29 -2.22
C GLU C 80 18.60 3.48 -3.07
N GLU C 81 18.73 3.87 -4.33
CA GLU C 81 17.54 4.21 -5.16
C GLU C 81 16.78 2.94 -5.56
N LEU C 82 17.46 1.83 -5.87
CA LEU C 82 16.75 0.59 -6.27
C LEU C 82 16.01 0.02 -5.06
N ASN C 83 16.68 0.02 -3.92
CA ASN C 83 16.18 -0.50 -2.66
C ASN C 83 14.83 0.18 -2.37
N LYS C 84 14.78 1.50 -2.50
CA LYS C 84 13.55 2.31 -2.30
C LYS C 84 12.49 1.94 -3.36
N LEU C 85 12.85 1.86 -4.65
CA LEU C 85 11.91 1.46 -5.74
C LEU C 85 11.30 0.10 -5.40
N LEU C 86 12.09 -0.82 -4.87
CA LEU C 86 11.62 -2.20 -4.62
C LEU C 86 11.48 -2.37 -3.11
N GLY C 87 11.06 -1.30 -2.43
CA GLY C 87 10.96 -1.27 -0.97
C GLY C 87 10.01 -2.32 -0.44
N ARG C 88 8.93 -2.60 -1.17
CA ARG C 88 7.83 -3.50 -0.72
C ARG C 88 7.75 -4.68 -1.69
N VAL C 89 8.90 -5.26 -2.02
CA VAL C 89 9.04 -6.39 -2.99
C VAL C 89 9.96 -7.40 -2.33
N THR C 90 9.71 -8.66 -2.62
CA THR C 90 10.41 -9.85 -2.14
C THR C 90 10.98 -10.57 -3.35
N ILE C 91 12.30 -10.69 -3.36
CA ILE C 91 13.04 -11.49 -4.34
C ILE C 91 13.12 -12.90 -3.79
N ALA C 92 12.33 -13.80 -4.36
CA ALA C 92 12.46 -15.24 -4.12
C ALA C 92 13.94 -15.60 -4.05
N GLN C 93 14.36 -16.38 -3.05
CA GLN C 93 15.71 -16.98 -3.01
C GLN C 93 16.78 -15.86 -2.98
N GLY C 94 16.44 -14.69 -2.48
CA GLY C 94 17.38 -13.55 -2.38
C GLY C 94 18.15 -13.53 -1.06
N GLY C 95 17.56 -14.02 0.01
CA GLY C 95 18.12 -13.92 1.36
C GLY C 95 18.08 -12.47 1.78
N VAL C 96 18.87 -12.11 2.80
CA VAL C 96 18.99 -10.72 3.31
C VAL C 96 20.45 -10.25 3.30
N LEU C 97 20.67 -8.98 3.59
CA LEU C 97 22.04 -8.43 3.71
C LEU C 97 22.60 -8.87 5.05
N PRO C 98 23.89 -9.28 5.11
CA PRO C 98 24.59 -9.46 6.39
C PRO C 98 24.54 -8.21 7.26
N ASN C 99 23.86 -8.28 8.41
CA ASN C 99 23.63 -7.12 9.29
C ASN C 99 23.38 -7.63 10.71
N ILE C 100 24.38 -7.49 11.57
CA ILE C 100 24.30 -7.69 13.03
C ILE C 100 24.36 -6.30 13.69
N GLN C 101 23.37 -5.99 14.51
CA GLN C 101 23.29 -4.84 15.45
C GLN C 101 24.51 -4.84 16.40
N ALA C 102 25.10 -3.66 16.60
CA ALA C 102 26.36 -3.44 17.35
C ALA C 102 26.29 -4.07 18.74
N VAL C 103 25.19 -3.83 19.46
CA VAL C 103 25.03 -4.22 20.90
C VAL C 103 25.08 -5.74 21.07
N LEU C 104 24.88 -6.51 19.99
CA LEU C 104 24.88 -8.00 20.02
C LEU C 104 26.29 -8.56 19.81
N LEU C 105 27.22 -7.74 19.31
CA LEU C 105 28.65 -8.11 19.18
C LEU C 105 29.28 -8.30 20.56
N PRO C 106 30.17 -9.31 20.74
CA PRO C 106 30.85 -9.50 22.03
C PRO C 106 31.85 -8.38 22.33
N LYS C 107 32.05 -8.06 23.62
CA LYS C 107 33.04 -7.04 24.10
C LYS C 107 34.28 -7.76 24.63
N ARG D 1 -1.15 -31.19 -28.33
CA ARG D 1 0.33 -31.20 -28.08
C ARG D 1 0.93 -29.86 -28.50
N LYS D 2 2.23 -29.67 -28.28
CA LYS D 2 3.00 -28.43 -28.59
C LYS D 2 2.43 -27.28 -27.74
N ARG D 3 2.90 -27.21 -26.48
CA ARG D 3 2.42 -26.31 -25.38
C ARG D 3 2.04 -24.94 -25.94
N SER D 4 1.27 -24.16 -25.17
CA SER D 4 0.80 -22.79 -25.51
C SER D 4 1.97 -21.79 -25.52
N ARG D 5 1.84 -20.73 -26.34
CA ARG D 5 2.86 -19.68 -26.56
C ARG D 5 2.84 -18.70 -25.39
N LYS D 6 3.77 -18.81 -24.42
CA LYS D 6 3.85 -17.91 -23.23
C LYS D 6 4.91 -16.82 -23.43
N GLU D 7 4.48 -15.57 -23.59
CA GLU D 7 5.40 -14.42 -23.79
C GLU D 7 6.21 -14.15 -22.52
N SER D 8 7.27 -13.37 -22.70
CA SER D 8 8.37 -13.15 -21.74
C SER D 8 9.28 -12.05 -22.28
N TYR D 9 9.89 -11.31 -21.37
CA TYR D 9 10.88 -10.26 -21.71
C TYR D 9 12.28 -10.87 -21.76
N SER D 10 12.40 -12.20 -21.60
CA SER D 10 13.73 -12.81 -21.37
C SER D 10 14.70 -12.44 -22.51
N ILE D 11 14.21 -12.37 -23.74
CA ILE D 11 15.05 -12.20 -24.95
C ILE D 11 15.76 -10.86 -24.80
N TYR D 12 14.99 -9.84 -24.46
CA TYR D 12 15.49 -8.46 -24.24
C TYR D 12 16.43 -8.42 -23.02
N VAL D 13 16.09 -9.11 -21.93
CA VAL D 13 16.94 -9.04 -20.71
C VAL D 13 18.31 -9.62 -21.03
N TYR D 14 18.37 -10.74 -21.77
CA TYR D 14 19.64 -11.33 -22.25
C TYR D 14 20.43 -10.33 -23.12
N LYS D 15 19.75 -9.66 -24.06
CA LYS D 15 20.40 -8.66 -24.96
C LYS D 15 21.05 -7.57 -24.10
N VAL D 16 20.31 -6.97 -23.18
CA VAL D 16 20.88 -5.90 -22.31
C VAL D 16 21.98 -6.55 -21.47
N LEU D 17 21.77 -7.75 -20.97
CA LEU D 17 22.86 -8.40 -20.21
C LEU D 17 24.14 -8.45 -21.05
N LYS D 18 24.07 -8.81 -22.35
CA LYS D 18 25.29 -9.09 -23.16
C LYS D 18 25.97 -7.76 -23.48
N GLN D 19 25.20 -6.70 -23.74
CA GLN D 19 25.76 -5.33 -23.82
C GLN D 19 26.62 -5.00 -22.59
N VAL D 20 26.17 -5.32 -21.38
CA VAL D 20 26.73 -4.70 -20.15
C VAL D 20 27.78 -5.62 -19.56
N HIS D 21 27.57 -6.92 -19.73
CA HIS D 21 28.45 -7.99 -19.18
C HIS D 21 28.46 -9.11 -20.20
N PRO D 22 29.30 -8.99 -21.26
CA PRO D 22 29.29 -9.92 -22.39
C PRO D 22 29.54 -11.38 -22.02
N ASP D 23 30.27 -11.65 -20.94
CA ASP D 23 30.66 -13.02 -20.52
C ASP D 23 29.81 -13.50 -19.35
N THR D 24 28.78 -12.74 -18.93
CA THR D 24 27.97 -13.07 -17.74
C THR D 24 26.65 -13.70 -18.20
N GLY D 25 26.29 -14.84 -17.60
CA GLY D 25 24.98 -15.49 -17.80
C GLY D 25 23.93 -15.14 -16.75
N ILE D 26 22.81 -15.84 -16.79
CA ILE D 26 21.69 -15.65 -15.81
C ILE D 26 20.93 -16.98 -15.66
N SER D 27 20.57 -17.34 -14.43
CA SER D 27 19.81 -18.59 -14.14
C SER D 27 18.34 -18.33 -14.40
N SER D 28 17.60 -19.40 -14.65
CA SER D 28 16.11 -19.43 -14.73
C SER D 28 15.44 -18.53 -13.68
N LYS D 29 15.80 -18.73 -12.43
CA LYS D 29 15.12 -18.02 -11.32
C LYS D 29 15.44 -16.53 -11.42
N ALA D 30 16.70 -16.21 -11.68
CA ALA D 30 17.14 -14.82 -11.87
C ALA D 30 16.34 -14.22 -13.02
N MET D 31 16.13 -14.98 -14.10
CA MET D 31 15.33 -14.45 -15.23
C MET D 31 13.87 -14.27 -14.79
N GLY D 32 13.35 -15.19 -13.98
CA GLY D 32 12.03 -15.07 -13.36
C GLY D 32 11.90 -13.74 -12.65
N ILE D 33 12.90 -13.41 -11.83
CA ILE D 33 12.94 -12.12 -11.08
C ILE D 33 12.96 -10.93 -12.05
N MET D 34 13.77 -10.96 -13.11
CA MET D 34 13.87 -9.82 -14.06
C MET D 34 12.52 -9.68 -14.77
N ASN D 35 11.92 -10.79 -15.17
CA ASN D 35 10.55 -10.75 -15.76
C ASN D 35 9.55 -10.04 -14.84
N SER D 36 9.49 -10.45 -13.56
CA SER D 36 8.56 -9.87 -12.55
C SER D 36 8.80 -8.36 -12.44
N PHE D 37 10.07 -8.01 -12.41
CA PHE D 37 10.54 -6.62 -12.26
C PHE D 37 9.98 -5.79 -13.40
N VAL D 38 10.12 -6.26 -14.63
CA VAL D 38 9.70 -5.45 -15.83
C VAL D 38 8.17 -5.40 -15.82
N ASN D 39 7.50 -6.54 -15.61
CA ASN D 39 6.01 -6.52 -15.46
C ASN D 39 5.64 -5.54 -14.32
N ASP D 40 6.32 -5.59 -13.18
CA ASP D 40 5.92 -4.71 -12.04
C ASP D 40 6.07 -3.25 -12.47
N ILE D 41 7.26 -2.81 -12.95
CA ILE D 41 7.46 -1.35 -13.23
C ILE D 41 6.55 -0.92 -14.39
N PHE D 42 6.33 -1.78 -15.39
CA PHE D 42 5.34 -1.49 -16.47
C PHE D 42 4.02 -1.04 -15.82
N GLU D 43 3.44 -1.91 -14.97
CA GLU D 43 2.10 -1.71 -14.33
C GLU D 43 2.17 -0.39 -13.55
N ARG D 44 3.23 -0.20 -12.76
CA ARG D 44 3.26 1.02 -11.94
C ARG D 44 3.26 2.24 -12.84
N ILE D 45 4.04 2.24 -13.94
CA ILE D 45 4.14 3.47 -14.79
C ILE D 45 2.82 3.63 -15.55
N ALA D 46 2.38 2.58 -16.24
CA ALA D 46 1.07 2.53 -16.95
C ALA D 46 -0.02 3.06 -16.02
N GLY D 47 -0.08 2.52 -14.80
CA GLY D 47 -1.07 2.90 -13.78
C GLY D 47 -1.07 4.39 -13.51
N GLU D 48 0.10 5.00 -13.27
CA GLU D 48 0.17 6.45 -12.91
C GLU D 48 -0.20 7.29 -14.13
N ALA D 49 0.22 6.85 -15.31
CA ALA D 49 -0.11 7.51 -16.60
C ALA D 49 -1.63 7.54 -16.77
N SER D 50 -2.27 6.36 -16.73
CA SER D 50 -3.75 6.22 -16.67
C SER D 50 -4.35 7.26 -15.72
N ARG D 51 -3.87 7.30 -14.48
CA ARG D 51 -4.47 8.23 -13.50
C ARG D 51 -4.31 9.67 -13.97
N LEU D 52 -3.11 10.05 -14.44
CA LEU D 52 -2.79 11.41 -14.92
C LEU D 52 -3.74 11.82 -16.05
N ALA D 53 -3.87 10.97 -17.07
CA ALA D 53 -4.79 11.24 -18.19
C ALA D 53 -6.15 11.56 -17.57
N HIS D 54 -6.73 10.62 -16.81
CA HIS D 54 -8.09 10.72 -16.24
C HIS D 54 -8.24 12.00 -15.44
N TYR D 55 -7.23 12.40 -14.65
CA TYR D 55 -7.36 13.59 -13.75
C TYR D 55 -7.47 14.84 -14.62
N ASN D 56 -6.92 14.81 -15.84
CA ASN D 56 -6.89 16.00 -16.74
C ASN D 56 -7.90 15.81 -17.88
N LYS D 57 -8.87 14.91 -17.75
CA LYS D 57 -9.93 14.69 -18.76
C LYS D 57 -9.32 14.52 -20.15
N ARG D 58 -8.28 13.70 -20.26
CA ARG D 58 -7.61 13.33 -21.52
C ARG D 58 -7.90 11.86 -21.79
N SER D 59 -8.11 11.52 -23.07
CA SER D 59 -8.48 10.18 -23.56
C SER D 59 -7.22 9.42 -23.95
N THR D 60 -6.07 10.11 -23.93
CA THR D 60 -4.81 9.63 -24.55
C THR D 60 -3.70 9.61 -23.50
N ILE D 61 -3.00 8.48 -23.36
CA ILE D 61 -1.67 8.42 -22.67
C ILE D 61 -0.60 8.71 -23.73
N THR D 62 0.06 9.87 -23.63
CA THR D 62 1.27 10.23 -24.42
C THR D 62 2.55 10.11 -23.59
N SER D 63 3.68 10.23 -24.26
CA SER D 63 5.04 10.22 -23.67
C SER D 63 5.10 11.27 -22.57
N ARG D 64 4.29 12.32 -22.65
CA ARG D 64 4.17 13.33 -21.57
C ARG D 64 3.59 12.69 -20.29
N GLU D 65 2.60 11.81 -20.41
CA GLU D 65 2.01 11.12 -19.21
C GLU D 65 3.01 10.12 -18.67
N ILE D 66 3.71 9.37 -19.55
CA ILE D 66 4.81 8.47 -19.10
C ILE D 66 5.85 9.26 -18.31
N GLN D 67 6.22 10.42 -18.79
CA GLN D 67 7.35 11.17 -18.22
C GLN D 67 6.94 11.72 -16.84
N THR D 68 5.68 12.12 -16.66
CA THR D 68 5.22 12.55 -15.32
C THR D 68 5.12 11.32 -14.41
N ALA D 69 4.59 10.22 -14.92
CA ALA D 69 4.51 8.95 -14.18
C ALA D 69 5.92 8.60 -13.66
N VAL D 70 6.90 8.51 -14.56
CA VAL D 70 8.33 8.22 -14.19
C VAL D 70 8.81 9.17 -13.07
N ARG D 71 8.47 10.45 -13.13
CA ARG D 71 8.95 11.40 -12.09
C ARG D 71 8.28 11.15 -10.74
N LEU D 72 7.00 10.79 -10.72
CA LEU D 72 6.24 10.51 -9.45
C LEU D 72 6.72 9.21 -8.79
N LEU D 73 7.17 8.23 -9.58
CA LEU D 73 7.42 6.83 -9.20
C LEU D 73 8.90 6.52 -8.95
N LEU D 74 9.82 7.10 -9.74
CA LEU D 74 11.25 6.72 -9.61
C LEU D 74 11.92 7.66 -8.60
N PRO D 75 12.85 7.14 -7.78
CA PRO D 75 13.64 8.02 -6.93
C PRO D 75 14.63 8.87 -7.74
N GLY D 76 14.80 10.14 -7.33
CA GLY D 76 15.80 11.13 -7.78
C GLY D 76 16.59 10.77 -9.04
N GLU D 77 17.78 10.22 -8.86
CA GLU D 77 18.79 10.03 -9.92
C GLU D 77 18.27 9.06 -10.96
N LEU D 78 17.57 8.03 -10.50
CA LEU D 78 16.96 7.02 -11.39
C LEU D 78 15.96 7.70 -12.34
N ALA D 79 15.15 8.66 -11.84
CA ALA D 79 14.11 9.35 -12.64
C ALA D 79 14.77 10.27 -13.69
N LYS D 80 15.67 11.16 -13.26
CA LYS D 80 16.53 12.01 -14.13
C LYS D 80 17.08 11.19 -15.31
N HIS D 81 17.80 10.11 -15.04
CA HIS D 81 18.38 9.24 -16.07
C HIS D 81 17.29 8.58 -16.93
N ALA D 82 16.21 8.10 -16.33
CA ALA D 82 15.14 7.41 -17.07
C ALA D 82 14.52 8.40 -18.04
N VAL D 83 14.12 9.57 -17.52
CA VAL D 83 13.55 10.70 -18.30
C VAL D 83 14.47 11.03 -19.47
N SER D 84 15.75 11.26 -19.18
CA SER D 84 16.71 11.62 -20.26
C SER D 84 16.75 10.46 -21.27
N GLU D 85 16.75 9.19 -20.84
CA GLU D 85 16.84 8.04 -21.78
C GLU D 85 15.55 7.93 -22.59
N GLY D 86 14.43 8.32 -21.99
CA GLY D 86 13.10 8.19 -22.62
C GLY D 86 12.90 9.27 -23.65
N THR D 87 13.16 10.51 -23.26
CA THR D 87 13.12 11.71 -24.12
C THR D 87 13.98 11.51 -25.37
N LYS D 88 15.16 10.91 -25.19
CA LYS D 88 16.11 10.56 -26.27
C LYS D 88 15.42 9.62 -27.26
N ALA D 89 14.79 8.55 -26.77
CA ALA D 89 14.20 7.50 -27.63
C ALA D 89 13.02 8.07 -28.43
N VAL D 90 12.27 9.02 -27.84
CA VAL D 90 11.11 9.66 -28.50
C VAL D 90 11.66 10.53 -29.64
N THR D 91 12.49 11.54 -29.32
CA THR D 91 13.22 12.39 -30.29
C THR D 91 13.76 11.53 -31.46
N LYS D 92 14.46 10.42 -31.18
CA LYS D 92 15.08 9.54 -32.20
C LYS D 92 14.00 8.87 -33.05
N TYR D 93 12.94 8.37 -32.40
CA TYR D 93 11.78 7.74 -33.07
C TYR D 93 10.99 8.76 -33.91
N THR D 94 10.75 9.97 -33.37
CA THR D 94 9.96 11.07 -33.99
C THR D 94 10.57 11.47 -35.33
N SER D 95 11.91 11.43 -35.44
CA SER D 95 12.68 11.87 -36.64
C SER D 95 12.97 10.67 -37.54
N ALA D 96 12.66 9.44 -37.10
CA ALA D 96 12.86 8.21 -37.90
C ALA D 96 11.53 7.76 -38.54
N LYS D 97 10.49 8.60 -38.50
CA LYS D 97 9.15 8.33 -39.10
C LYS D 97 9.25 8.50 -40.61
N PRO E 1 34.50 -31.58 27.62
CA PRO E 1 35.75 -31.24 26.89
C PRO E 1 35.91 -29.73 26.61
N HIS E 2 35.16 -29.19 25.63
CA HIS E 2 35.25 -27.78 25.13
C HIS E 2 33.84 -27.19 24.95
N ARG E 3 33.69 -25.90 25.24
CA ARG E 3 32.35 -25.31 25.44
C ARG E 3 32.36 -23.83 25.06
N TYR E 4 31.64 -23.47 23.99
CA TYR E 4 31.40 -22.08 23.54
C TYR E 4 30.53 -21.37 24.57
N ARG E 5 30.87 -20.10 24.85
CA ARG E 5 30.13 -19.26 25.82
C ARG E 5 28.78 -18.87 25.22
N PRO E 6 27.73 -18.72 26.07
CA PRO E 6 26.41 -18.38 25.57
C PRO E 6 26.42 -17.10 24.71
N GLY E 7 26.03 -17.23 23.44
CA GLY E 7 25.88 -16.11 22.48
C GLY E 7 26.89 -16.20 21.34
N THR E 8 27.86 -17.10 21.44
CA THR E 8 28.98 -17.26 20.50
C THR E 8 28.52 -18.04 19.30
N VAL E 9 27.76 -19.11 19.53
CA VAL E 9 27.11 -19.95 18.48
C VAL E 9 25.90 -19.20 17.86
N ALA E 10 25.15 -18.46 18.66
CA ALA E 10 24.04 -17.61 18.15
C ALA E 10 24.63 -16.67 17.09
N LEU E 11 25.74 -15.99 17.41
CA LEU E 11 26.45 -15.05 16.49
C LEU E 11 26.84 -15.81 15.21
N ARG E 12 27.42 -16.99 15.35
CA ARG E 12 27.84 -17.87 14.24
C ARG E 12 26.65 -18.19 13.33
N GLU E 13 25.51 -18.50 13.95
CA GLU E 13 24.25 -18.90 13.29
C GLU E 13 23.70 -17.69 12.51
N ILE E 14 23.69 -16.51 13.12
CA ILE E 14 23.32 -15.25 12.42
C ILE E 14 24.17 -15.08 11.15
N ARG E 15 25.48 -15.38 11.22
CA ARG E 15 26.39 -15.14 10.08
C ARG E 15 26.10 -16.20 9.02
N ARG E 16 25.85 -17.42 9.47
CA ARG E 16 25.56 -18.55 8.57
C ARG E 16 24.32 -18.25 7.71
N TYR E 17 23.21 -17.92 8.36
CA TYR E 17 21.87 -17.89 7.73
C TYR E 17 21.73 -16.57 6.95
N GLN E 18 22.39 -15.51 7.39
CA GLN E 18 22.42 -14.23 6.64
C GLN E 18 23.22 -14.38 5.34
N LYS E 19 24.11 -15.37 5.21
CA LYS E 19 24.93 -15.61 3.97
C LYS E 19 24.13 -16.41 2.95
N SER E 20 23.20 -17.25 3.42
CA SER E 20 22.47 -18.24 2.58
C SER E 20 21.06 -17.75 2.27
N THR E 21 20.45 -18.37 1.26
CA THR E 21 19.12 -17.99 0.76
C THR E 21 18.12 -19.16 0.92
N GLU E 22 18.60 -20.36 1.28
CA GLU E 22 17.81 -21.60 1.39
C GLU E 22 16.63 -21.35 2.36
N LEU E 23 15.48 -21.92 2.04
CA LEU E 23 14.29 -21.94 2.94
C LEU E 23 14.66 -22.72 4.18
N LEU E 24 14.22 -22.17 5.33
CA LEU E 24 14.65 -22.55 6.69
C LEU E 24 13.58 -23.39 7.41
N ILE E 25 12.32 -23.30 6.99
CA ILE E 25 11.23 -24.24 7.41
C ILE E 25 11.34 -25.48 6.50
N ARG E 26 11.23 -26.68 7.09
CA ARG E 26 11.18 -27.96 6.35
C ARG E 26 9.95 -27.96 5.44
N LYS E 27 10.07 -28.54 4.25
CA LYS E 27 9.13 -28.38 3.11
C LYS E 27 7.81 -29.09 3.41
N LEU E 28 7.90 -30.33 3.85
CA LEU E 28 6.69 -31.16 4.08
C LEU E 28 5.82 -30.55 5.19
N PRO E 29 6.32 -30.30 6.42
CA PRO E 29 5.52 -29.63 7.44
C PRO E 29 4.79 -28.42 6.84
N PHE E 30 5.54 -27.59 6.13
CA PHE E 30 5.00 -26.30 5.67
C PHE E 30 3.80 -26.57 4.75
N GLN E 31 3.93 -27.51 3.82
CA GLN E 31 2.85 -27.92 2.88
C GLN E 31 1.60 -28.45 3.63
N ARG E 32 1.79 -29.41 4.55
CA ARG E 32 0.70 -29.93 5.42
C ARG E 32 -0.06 -28.76 6.04
N LEU E 33 0.65 -27.74 6.53
CA LEU E 33 0.03 -26.57 7.21
C LEU E 33 -0.78 -25.75 6.19
N VAL E 34 -0.25 -25.60 4.98
CA VAL E 34 -0.94 -24.89 3.87
C VAL E 34 -2.19 -25.67 3.52
N ARG E 35 -2.06 -26.96 3.24
CA ARG E 35 -3.21 -27.87 2.97
C ARG E 35 -4.26 -27.76 4.11
N GLU E 36 -3.86 -27.91 5.38
CA GLU E 36 -4.79 -27.81 6.52
C GLU E 36 -5.56 -26.49 6.43
N ILE E 37 -4.87 -25.36 6.33
CA ILE E 37 -5.49 -24.02 6.47
C ILE E 37 -6.48 -23.82 5.32
N ALA E 38 -6.09 -24.24 4.13
CA ALA E 38 -6.85 -23.93 2.90
C ALA E 38 -8.14 -24.78 2.92
N GLN E 39 -7.97 -26.03 3.34
CA GLN E 39 -9.06 -27.02 3.44
C GLN E 39 -10.20 -26.45 4.29
N ASP E 40 -9.86 -25.83 5.42
CA ASP E 40 -10.80 -25.10 6.32
C ASP E 40 -11.47 -23.92 5.58
N PHE E 41 -10.83 -23.33 4.57
CA PHE E 41 -11.48 -22.33 3.67
C PHE E 41 -12.29 -23.08 2.60
N LYS E 42 -11.77 -24.21 2.09
CA LYS E 42 -12.44 -24.97 1.02
C LYS E 42 -11.80 -26.37 0.85
N THR E 43 -12.69 -27.37 0.87
CA THR E 43 -12.42 -28.81 0.66
C THR E 43 -12.05 -29.04 -0.80
N ASP E 44 -11.26 -30.08 -1.05
CA ASP E 44 -11.01 -30.64 -2.41
C ASP E 44 -10.32 -29.57 -3.29
N LEU E 45 -9.33 -28.90 -2.71
CA LEU E 45 -8.35 -28.02 -3.42
C LEU E 45 -7.09 -28.83 -3.68
N ARG E 46 -6.57 -28.71 -4.90
CA ARG E 46 -5.17 -29.08 -5.24
C ARG E 46 -4.32 -27.82 -5.30
N PHE E 47 -3.01 -28.01 -5.20
CA PHE E 47 -1.97 -26.95 -5.26
C PHE E 47 -0.92 -27.36 -6.29
N GLN E 48 -0.66 -26.46 -7.22
CA GLN E 48 0.64 -26.46 -7.96
C GLN E 48 1.73 -26.43 -6.91
N SER E 49 2.75 -27.26 -7.03
CA SER E 49 3.87 -27.23 -6.04
C SER E 49 4.42 -25.80 -5.94
N SER E 50 4.47 -25.08 -7.06
CA SER E 50 5.05 -23.73 -7.15
C SER E 50 4.15 -22.73 -6.42
N ALA E 51 2.85 -23.01 -6.26
CA ALA E 51 1.99 -22.18 -5.40
C ALA E 51 2.37 -22.40 -3.92
N VAL E 52 2.82 -23.61 -3.55
CA VAL E 52 3.31 -23.87 -2.16
C VAL E 52 4.69 -23.25 -1.95
N MET E 53 5.59 -23.37 -2.91
CA MET E 53 6.93 -22.71 -2.81
C MET E 53 6.75 -21.17 -2.76
N ALA E 54 5.79 -20.62 -3.49
CA ALA E 54 5.54 -19.18 -3.48
C ALA E 54 5.08 -18.81 -2.08
N LEU E 55 4.14 -19.57 -1.51
CA LEU E 55 3.58 -19.25 -0.18
C LEU E 55 4.73 -19.37 0.84
N GLN E 56 5.55 -20.42 0.74
CA GLN E 56 6.65 -20.59 1.72
C GLN E 56 7.72 -19.48 1.59
N GLU E 57 8.06 -19.05 0.36
CA GLU E 57 9.00 -17.92 0.16
C GLU E 57 8.42 -16.65 0.78
N ALA E 58 7.13 -16.39 0.54
CA ALA E 58 6.47 -15.16 1.05
C ALA E 58 6.46 -15.19 2.58
N CYS E 59 6.15 -16.35 3.18
CA CYS E 59 5.99 -16.52 4.65
C CYS E 59 7.34 -16.36 5.32
N GLU E 60 8.36 -17.02 4.82
CA GLU E 60 9.71 -16.91 5.43
C GLU E 60 10.23 -15.47 5.28
N ALA E 61 10.03 -14.80 4.15
CA ALA E 61 10.51 -13.40 3.98
C ALA E 61 9.75 -12.49 4.94
N TYR E 62 8.45 -12.71 5.15
CA TYR E 62 7.65 -11.93 6.14
C TYR E 62 8.24 -12.12 7.55
N LEU E 63 8.53 -13.36 7.93
CA LEU E 63 8.98 -13.67 9.30
C LEU E 63 10.41 -13.13 9.53
N VAL E 64 11.35 -13.32 8.58
CA VAL E 64 12.69 -12.67 8.68
C VAL E 64 12.47 -11.15 8.92
N GLY E 65 11.65 -10.49 8.11
CA GLY E 65 11.41 -9.04 8.22
C GLY E 65 10.91 -8.69 9.60
N LEU E 66 9.92 -9.44 10.11
CA LEU E 66 9.25 -9.19 11.41
C LEU E 66 10.28 -9.37 12.52
N PHE E 67 11.06 -10.42 12.45
CA PHE E 67 12.15 -10.69 13.41
C PHE E 67 13.17 -9.56 13.42
N GLU E 68 13.45 -8.86 12.30
CA GLU E 68 14.38 -7.69 12.34
C GLU E 68 13.69 -6.59 13.17
N ASP E 69 12.41 -6.33 12.90
CA ASP E 69 11.69 -5.24 13.59
C ASP E 69 11.54 -5.62 15.06
N THR E 70 11.32 -6.90 15.33
CA THR E 70 11.12 -7.43 16.70
C THR E 70 12.42 -7.18 17.46
N ASN E 71 13.55 -7.53 16.83
CA ASN E 71 14.91 -7.32 17.44
C ASN E 71 15.12 -5.87 17.87
N LEU E 72 14.75 -4.92 17.00
CA LEU E 72 14.91 -3.46 17.21
C LEU E 72 14.07 -3.06 18.41
N CYS E 73 12.93 -3.72 18.58
CA CYS E 73 12.01 -3.40 19.70
C CYS E 73 12.63 -3.88 21.03
N ALA E 74 13.25 -5.07 21.06
CA ALA E 74 14.04 -5.57 22.20
C ALA E 74 15.18 -4.57 22.50
N ILE E 75 15.99 -4.24 21.49
CA ILE E 75 17.19 -3.40 21.73
C ILE E 75 16.69 -2.06 22.25
N HIS E 76 15.60 -1.49 21.72
CA HIS E 76 15.07 -0.20 22.22
C HIS E 76 14.80 -0.28 23.74
N ALA E 77 14.49 -1.47 24.25
CA ALA E 77 14.10 -1.72 25.65
C ALA E 77 15.35 -2.06 26.48
N LYS E 78 16.54 -1.88 25.91
CA LYS E 78 17.85 -2.14 26.54
C LYS E 78 17.94 -3.64 26.84
N ARG E 79 17.32 -4.45 25.98
CA ARG E 79 17.39 -5.93 26.04
C ARG E 79 18.02 -6.44 24.77
N VAL E 80 18.40 -7.70 24.83
CA VAL E 80 19.14 -8.45 23.77
C VAL E 80 18.31 -9.70 23.44
N THR E 81 17.24 -9.92 24.19
CA THR E 81 16.34 -11.09 24.08
C THR E 81 15.02 -10.63 23.51
N ILE E 82 14.57 -11.21 22.38
CA ILE E 82 13.22 -10.90 21.79
C ILE E 82 12.15 -11.64 22.61
N MET E 83 11.06 -10.93 22.88
CA MET E 83 9.92 -11.42 23.67
C MET E 83 8.64 -11.13 22.89
N PRO E 84 7.52 -11.82 23.22
CA PRO E 84 6.24 -11.63 22.55
C PRO E 84 5.86 -10.16 22.44
N LYS E 85 6.11 -9.39 23.50
CA LYS E 85 5.75 -7.96 23.49
C LYS E 85 6.59 -7.20 22.43
N ASP E 86 7.72 -7.74 21.98
CA ASP E 86 8.50 -7.06 20.90
C ASP E 86 7.79 -7.29 19.56
N ILE E 87 7.34 -8.52 19.29
CA ILE E 87 6.51 -8.83 18.11
C ILE E 87 5.22 -8.00 18.12
N GLN E 88 4.54 -7.92 19.25
CA GLN E 88 3.25 -7.19 19.33
C GLN E 88 3.49 -5.72 18.95
N LEU E 89 4.52 -5.07 19.51
CA LEU E 89 4.78 -3.63 19.26
C LEU E 89 5.14 -3.46 17.77
N ALA E 90 6.06 -4.26 17.27
CA ALA E 90 6.41 -4.25 15.84
C ALA E 90 5.14 -4.38 15.00
N ARG E 91 4.26 -5.34 15.33
CA ARG E 91 3.06 -5.62 14.50
C ARG E 91 2.08 -4.46 14.61
N ARG E 92 2.03 -3.79 15.75
CA ARG E 92 1.09 -2.66 15.94
C ARG E 92 1.61 -1.48 15.11
N ILE E 93 2.88 -1.15 15.25
CA ILE E 93 3.42 0.05 14.54
C ILE E 93 3.30 -0.18 13.02
N ARG E 94 3.54 -1.40 12.54
CA ARG E 94 3.35 -1.83 11.13
C ARG E 94 1.91 -1.73 10.66
N GLY E 95 0.94 -1.61 11.57
CA GLY E 95 -0.47 -1.49 11.18
C GLY E 95 -1.08 -2.83 10.86
N GLU E 96 -0.43 -3.92 11.25
CA GLU E 96 -1.00 -5.28 11.17
C GLU E 96 -1.95 -5.47 12.37
N ARG E 97 -1.75 -4.63 13.39
CA ARG E 97 -2.56 -4.49 14.62
C ARG E 97 -1.83 -5.25 15.74
N LYS F 1 -13.78 -41.98 -4.00
CA LYS F 1 -14.15 -43.39 -3.61
C LYS F 1 -13.10 -44.00 -2.67
N ARG F 2 -12.19 -43.18 -2.10
CA ARG F 2 -11.08 -43.64 -1.22
C ARG F 2 -11.19 -42.90 0.12
N HIS F 3 -10.16 -42.13 0.50
CA HIS F 3 -10.11 -41.29 1.74
C HIS F 3 -9.00 -40.26 1.59
N ARG F 4 -9.15 -39.10 2.22
CA ARG F 4 -8.03 -38.19 2.55
C ARG F 4 -7.76 -38.34 4.05
N LYS F 5 -6.52 -38.65 4.45
CA LYS F 5 -6.10 -38.58 5.87
C LYS F 5 -6.46 -37.18 6.36
N VAL F 6 -6.89 -37.05 7.62
CA VAL F 6 -7.45 -35.77 8.14
C VAL F 6 -6.29 -35.00 8.73
N LEU F 7 -6.26 -33.70 8.48
CA LEU F 7 -5.10 -32.86 8.84
C LEU F 7 -5.37 -32.20 10.20
N ARG F 8 -4.45 -32.39 11.13
CA ARG F 8 -4.60 -31.97 12.54
C ARG F 8 -3.26 -31.47 13.08
N ASP F 9 -3.26 -30.38 13.85
CA ASP F 9 -2.11 -29.83 14.59
C ASP F 9 -0.89 -29.51 13.70
N ASN F 10 -1.04 -29.19 12.42
CA ASN F 10 0.13 -29.10 11.51
C ASN F 10 0.98 -27.84 11.73
N ILE F 11 0.40 -26.80 12.33
CA ILE F 11 1.17 -25.66 12.89
C ILE F 11 2.36 -26.18 13.73
N GLN F 12 2.37 -27.40 14.26
CA GLN F 12 3.46 -27.77 15.20
C GLN F 12 4.67 -28.22 14.39
N GLY F 13 4.49 -28.35 13.07
CA GLY F 13 5.59 -28.66 12.13
C GLY F 13 6.47 -27.45 11.82
N ILE F 14 6.04 -26.25 12.23
CA ILE F 14 6.85 -25.02 12.39
C ILE F 14 7.50 -25.13 13.77
N THR F 15 8.52 -25.98 13.86
CA THR F 15 9.27 -26.36 15.07
C THR F 15 10.11 -25.20 15.62
N LYS F 16 10.46 -25.28 16.89
CA LYS F 16 11.41 -24.37 17.59
C LYS F 16 12.65 -24.06 16.72
N PRO F 17 13.47 -25.06 16.30
CA PRO F 17 14.63 -24.82 15.44
C PRO F 17 14.32 -23.95 14.21
N ALA F 18 13.35 -24.33 13.37
CA ALA F 18 13.00 -23.56 12.15
C ALA F 18 12.71 -22.11 12.55
N ILE F 19 12.04 -21.89 13.66
CA ILE F 19 11.70 -20.48 14.00
C ILE F 19 13.01 -19.78 14.39
N ARG F 20 13.89 -20.47 15.10
CA ARG F 20 15.17 -19.93 15.60
C ARG F 20 16.04 -19.51 14.38
N ARG F 21 16.21 -20.41 13.40
CA ARG F 21 16.84 -20.18 12.08
C ARG F 21 16.28 -18.93 11.39
N LEU F 22 14.97 -18.81 11.24
CA LEU F 22 14.35 -17.57 10.68
C LEU F 22 14.77 -16.35 11.53
N ALA F 23 14.77 -16.46 12.84
CA ALA F 23 15.15 -15.35 13.73
C ALA F 23 16.65 -15.02 13.56
N ARG F 24 17.48 -16.05 13.33
CA ARG F 24 18.92 -15.89 13.07
C ARG F 24 19.09 -15.05 11.80
N ARG F 25 18.46 -15.44 10.70
CA ARG F 25 18.59 -14.71 9.42
C ARG F 25 18.08 -13.28 9.64
N GLY F 26 17.18 -13.08 10.61
CA GLY F 26 16.68 -11.73 10.98
C GLY F 26 17.58 -11.03 11.97
N GLY F 27 18.74 -11.59 12.28
CA GLY F 27 19.76 -10.98 13.17
C GLY F 27 19.42 -11.06 14.65
N VAL F 28 18.59 -12.01 15.07
CA VAL F 28 18.22 -12.17 16.50
C VAL F 28 19.25 -13.12 17.13
N LYS F 29 19.80 -12.74 18.27
CA LYS F 29 20.86 -13.52 18.96
C LYS F 29 20.28 -14.28 20.17
N ARG F 30 19.24 -13.74 20.81
CA ARG F 30 18.66 -14.37 22.02
C ARG F 30 17.14 -14.34 21.91
N ILE F 31 16.51 -15.45 22.33
CA ILE F 31 15.09 -15.74 22.03
C ILE F 31 14.39 -16.25 23.29
N SER F 32 13.41 -15.51 23.80
CA SER F 32 12.50 -15.90 24.91
C SER F 32 11.71 -17.17 24.54
N GLY F 33 11.45 -18.04 25.51
CA GLY F 33 10.82 -19.36 25.25
C GLY F 33 9.41 -19.21 24.72
N LEU F 34 8.76 -18.09 25.07
CA LEU F 34 7.39 -17.74 24.65
C LEU F 34 7.30 -17.31 23.18
N ILE F 35 8.43 -17.10 22.48
CA ILE F 35 8.48 -16.51 21.11
C ILE F 35 7.92 -17.54 20.13
N TYR F 36 8.24 -18.83 20.30
CA TYR F 36 7.87 -19.93 19.36
C TYR F 36 6.35 -20.02 19.19
N GLU F 37 5.55 -19.99 20.27
CA GLU F 37 4.07 -20.07 20.15
C GLU F 37 3.59 -18.76 19.54
N GLU F 38 4.17 -17.63 19.92
CA GLU F 38 3.70 -16.33 19.39
C GLU F 38 3.88 -16.32 17.86
N THR F 39 4.95 -16.94 17.38
CA THR F 39 5.40 -16.89 15.97
C THR F 39 4.40 -17.72 15.17
N ARG F 40 4.15 -18.94 15.63
CA ARG F 40 3.09 -19.83 15.08
C ARG F 40 1.79 -19.05 14.93
N GLY F 41 1.38 -18.32 15.96
CA GLY F 41 0.16 -17.49 15.89
C GLY F 41 0.23 -16.55 14.70
N VAL F 42 1.34 -15.85 14.55
CA VAL F 42 1.50 -14.76 13.56
C VAL F 42 1.59 -15.39 12.18
N LEU F 43 2.35 -16.46 12.05
CA LEU F 43 2.47 -17.17 10.76
C LEU F 43 1.06 -17.56 10.31
N LYS F 44 0.34 -18.33 11.14
CA LYS F 44 -1.01 -18.84 10.82
C LYS F 44 -1.89 -17.69 10.31
N VAL F 45 -1.90 -16.54 10.99
CA VAL F 45 -2.71 -15.36 10.58
C VAL F 45 -2.28 -14.91 9.19
N PHE F 46 -0.97 -14.98 8.90
CA PHE F 46 -0.40 -14.56 7.60
C PHE F 46 -0.83 -15.55 6.53
N LEU F 47 -0.57 -16.83 6.72
CA LEU F 47 -1.00 -17.88 5.76
C LEU F 47 -2.52 -17.79 5.55
N GLU F 48 -3.30 -17.68 6.60
CA GLU F 48 -4.77 -17.65 6.47
C GLU F 48 -5.09 -16.51 5.50
N ASN F 49 -4.53 -15.31 5.75
CA ASN F 49 -4.98 -14.09 5.06
C ASN F 49 -4.67 -14.21 3.56
N VAL F 50 -3.49 -14.75 3.24
CA VAL F 50 -2.98 -14.89 1.86
C VAL F 50 -3.72 -16.04 1.18
N ILE F 51 -3.87 -17.18 1.85
CA ILE F 51 -4.59 -18.34 1.26
C ILE F 51 -6.05 -17.91 1.02
N ARG F 52 -6.66 -17.21 1.95
CA ARG F 52 -8.05 -16.72 1.74
C ARG F 52 -8.12 -16.04 0.36
N ASP F 53 -7.25 -15.08 0.09
CA ASP F 53 -7.31 -14.28 -1.16
C ASP F 53 -6.96 -15.19 -2.33
N ALA F 54 -5.92 -16.02 -2.21
CA ALA F 54 -5.51 -16.95 -3.30
C ALA F 54 -6.74 -17.78 -3.71
N VAL F 55 -7.29 -18.55 -2.78
CA VAL F 55 -8.47 -19.44 -3.01
C VAL F 55 -9.61 -18.64 -3.64
N THR F 56 -9.88 -17.41 -3.21
CA THR F 56 -10.92 -16.57 -3.82
C THR F 56 -10.64 -16.33 -5.31
N TYR F 57 -9.35 -16.08 -5.69
CA TYR F 57 -8.92 -15.97 -7.11
C TYR F 57 -9.17 -17.33 -7.79
N THR F 58 -8.85 -18.44 -7.11
CA THR F 58 -9.05 -19.79 -7.68
C THR F 58 -10.54 -20.03 -7.95
N GLU F 59 -11.39 -19.84 -6.94
CA GLU F 59 -12.85 -20.01 -7.08
C GLU F 59 -13.30 -19.10 -8.23
N HIS F 60 -12.72 -17.92 -8.34
CA HIS F 60 -13.21 -16.98 -9.38
C HIS F 60 -12.92 -17.59 -10.75
N ALA F 61 -11.79 -18.29 -10.86
CA ALA F 61 -11.30 -18.88 -12.12
C ALA F 61 -12.07 -20.18 -12.42
N LYS F 62 -12.96 -20.60 -11.53
CA LYS F 62 -13.69 -21.89 -11.65
C LYS F 62 -12.70 -23.05 -11.65
N ARG F 63 -11.58 -22.92 -10.94
CA ARG F 63 -10.55 -23.99 -10.88
C ARG F 63 -10.66 -24.69 -9.52
N LYS F 64 -10.08 -25.89 -9.40
CA LYS F 64 -10.02 -26.69 -8.16
C LYS F 64 -8.55 -26.82 -7.73
N THR F 65 -7.66 -26.19 -8.50
CA THR F 65 -6.19 -26.25 -8.28
C THR F 65 -5.73 -24.82 -8.03
N VAL F 66 -5.15 -24.54 -6.86
CA VAL F 66 -4.60 -23.18 -6.58
C VAL F 66 -3.27 -23.03 -7.33
N THR F 67 -3.12 -21.99 -8.15
CA THR F 67 -1.86 -21.75 -8.92
C THR F 67 -0.96 -20.73 -8.23
N ALA F 68 0.31 -20.79 -8.60
CA ALA F 68 1.33 -19.77 -8.22
C ALA F 68 0.75 -18.38 -8.43
N MET F 69 0.09 -18.15 -9.56
CA MET F 69 -0.39 -16.81 -9.95
C MET F 69 -1.44 -16.34 -8.95
N ASP F 70 -2.30 -17.26 -8.46
CA ASP F 70 -3.34 -16.95 -7.46
C ASP F 70 -2.61 -16.48 -6.21
N VAL F 71 -1.58 -17.23 -5.81
CA VAL F 71 -0.71 -16.82 -4.67
C VAL F 71 -0.07 -15.45 -4.93
N VAL F 72 0.52 -15.26 -6.10
CA VAL F 72 1.23 -13.99 -6.44
C VAL F 72 0.22 -12.83 -6.43
N TYR F 73 -0.99 -12.99 -6.95
CA TYR F 73 -1.97 -11.87 -6.99
C TYR F 73 -2.41 -11.54 -5.56
N ALA F 74 -2.53 -12.59 -4.75
CA ALA F 74 -2.94 -12.45 -3.34
C ALA F 74 -1.82 -11.68 -2.61
N LEU F 75 -0.59 -12.14 -2.72
CA LEU F 75 0.53 -11.40 -2.07
C LEU F 75 0.52 -9.94 -2.55
N LYS F 76 0.33 -9.70 -3.85
CA LYS F 76 0.28 -8.31 -4.38
C LYS F 76 -0.86 -7.55 -3.68
N ARG F 77 -2.05 -8.15 -3.57
CA ARG F 77 -3.20 -7.50 -2.88
C ARG F 77 -2.80 -7.06 -1.46
N GLN F 78 -1.99 -7.83 -0.75
CA GLN F 78 -1.67 -7.62 0.68
C GLN F 78 -0.45 -6.70 0.87
N GLY F 79 0.11 -6.09 -0.20
CA GLY F 79 1.36 -5.30 -0.11
C GLY F 79 2.59 -6.17 0.15
N ARG F 80 2.63 -7.40 -0.36
CA ARG F 80 3.70 -8.39 -0.12
C ARG F 80 4.11 -8.94 -1.49
N THR F 81 4.27 -8.05 -2.47
CA THR F 81 4.71 -8.38 -3.84
C THR F 81 5.93 -9.31 -3.82
N LEU F 82 5.83 -10.36 -4.62
CA LEU F 82 6.81 -11.46 -4.73
C LEU F 82 7.22 -11.60 -6.21
N TYR F 83 8.52 -11.59 -6.45
CA TYR F 83 9.11 -11.76 -7.79
C TYR F 83 9.64 -13.19 -7.84
N GLY F 84 9.50 -13.87 -8.98
CA GLY F 84 10.14 -15.17 -9.25
C GLY F 84 9.15 -16.30 -9.48
N PHE F 85 7.86 -15.99 -9.49
CA PHE F 85 6.83 -17.04 -9.61
C PHE F 85 5.78 -16.67 -10.67
N GLY F 86 6.09 -15.74 -11.56
CA GLY F 86 5.22 -15.37 -12.70
C GLY F 86 4.63 -14.02 -12.45
N GLY F 87 3.89 -13.51 -13.46
CA GLY F 87 3.17 -12.23 -13.43
C GLY F 87 4.10 -11.05 -13.57
N LYS G 1 -43.95 6.14 -20.04
CA LYS G 1 -42.75 5.43 -20.55
C LYS G 1 -41.50 6.07 -19.90
N ALA G 2 -40.55 5.23 -19.46
CA ALA G 2 -39.15 5.56 -19.10
C ALA G 2 -38.98 5.78 -17.59
N LYS G 3 -38.33 4.82 -16.92
CA LYS G 3 -38.10 4.78 -15.46
C LYS G 3 -36.65 4.33 -15.18
N THR G 4 -36.08 4.75 -14.05
CA THR G 4 -34.66 4.47 -13.67
C THR G 4 -34.45 2.98 -13.38
N ARG G 5 -33.29 2.46 -13.78
CA ARG G 5 -32.85 1.08 -13.38
C ARG G 5 -32.53 1.05 -11.86
N SER G 6 -32.27 2.20 -11.25
CA SER G 6 -32.21 2.40 -9.78
C SER G 6 -33.52 1.99 -9.08
N SER G 7 -34.68 2.37 -9.63
CA SER G 7 -36.02 2.01 -9.08
C SER G 7 -36.36 0.55 -9.44
N ARG G 8 -35.93 0.04 -10.61
CA ARG G 8 -36.10 -1.39 -11.00
C ARG G 8 -35.35 -2.34 -10.06
N ALA G 9 -34.30 -1.86 -9.37
CA ALA G 9 -33.42 -2.63 -8.45
C ALA G 9 -33.67 -2.20 -7.00
N GLY G 10 -34.47 -1.15 -6.83
CA GLY G 10 -34.95 -0.70 -5.50
C GLY G 10 -33.87 0.02 -4.75
N LEU G 11 -33.03 0.74 -5.50
CA LEU G 11 -31.84 1.45 -4.97
C LEU G 11 -32.07 2.96 -5.04
N GLN G 12 -31.59 3.66 -4.01
CA GLN G 12 -31.45 5.13 -3.94
C GLN G 12 -30.23 5.56 -4.76
N PHE G 13 -29.23 4.70 -4.90
CA PHE G 13 -27.92 5.03 -5.54
C PHE G 13 -28.04 4.84 -7.04
N PRO G 14 -27.41 5.74 -7.83
CA PRO G 14 -27.69 5.84 -9.27
C PRO G 14 -26.97 4.81 -10.15
N VAL G 15 -27.73 3.79 -10.58
CA VAL G 15 -27.25 2.64 -11.38
C VAL G 15 -26.77 3.11 -12.76
N GLY G 16 -27.42 4.14 -13.31
CA GLY G 16 -27.07 4.73 -14.63
C GLY G 16 -25.72 5.42 -14.58
N ARG G 17 -25.55 6.38 -13.66
CA ARG G 17 -24.29 7.09 -13.35
C ARG G 17 -23.13 6.11 -13.12
N VAL G 18 -23.37 5.07 -12.34
CA VAL G 18 -22.35 4.08 -11.94
C VAL G 18 -21.92 3.34 -13.20
N HIS G 19 -22.85 3.01 -14.10
CA HIS G 19 -22.60 2.29 -15.38
C HIS G 19 -21.69 3.17 -16.24
N ARG G 20 -22.04 4.46 -16.32
CA ARG G 20 -21.25 5.45 -17.10
C ARG G 20 -19.83 5.52 -16.53
N LEU G 21 -19.70 5.81 -15.23
CA LEU G 21 -18.39 5.86 -14.51
C LEU G 21 -17.56 4.57 -14.72
N LEU G 22 -18.21 3.41 -14.78
CA LEU G 22 -17.52 2.13 -15.05
C LEU G 22 -16.99 2.16 -16.49
N ARG G 23 -17.84 2.50 -17.46
CA ARG G 23 -17.46 2.51 -18.91
C ARG G 23 -16.35 3.55 -19.14
N LYS G 24 -16.50 4.75 -18.58
CA LYS G 24 -15.61 5.93 -18.77
C LYS G 24 -14.27 5.77 -18.02
N GLY G 25 -14.15 4.86 -17.06
CA GLY G 25 -12.97 4.71 -16.17
C GLY G 25 -11.93 3.73 -16.69
N ASN G 26 -12.09 3.18 -17.88
CA ASN G 26 -11.10 2.25 -18.46
C ASN G 26 -10.81 1.17 -17.43
N TYR G 27 -11.84 0.47 -16.98
CA TYR G 27 -11.71 -0.72 -16.10
C TYR G 27 -11.66 -1.97 -16.98
N SER G 28 -12.30 -1.94 -18.15
CA SER G 28 -12.42 -3.09 -19.09
C SER G 28 -13.02 -2.62 -20.41
N GLU G 29 -12.89 -3.44 -21.45
CA GLU G 29 -13.54 -3.22 -22.77
C GLU G 29 -15.04 -2.98 -22.55
N ARG G 30 -15.69 -3.92 -21.84
CA ARG G 30 -17.16 -3.96 -21.70
C ARG G 30 -17.58 -4.17 -20.23
N VAL G 31 -18.82 -3.81 -19.93
CA VAL G 31 -19.44 -3.86 -18.59
C VAL G 31 -20.82 -4.52 -18.71
N GLY G 32 -20.97 -5.70 -18.11
CA GLY G 32 -22.24 -6.39 -17.82
C GLY G 32 -23.35 -5.48 -17.29
N ALA G 33 -24.60 -5.87 -17.50
CA ALA G 33 -25.80 -5.10 -17.11
C ALA G 33 -25.97 -5.15 -15.60
N GLY G 34 -25.63 -6.29 -14.97
CA GLY G 34 -25.73 -6.49 -13.50
C GLY G 34 -24.72 -5.65 -12.72
N ALA G 35 -23.48 -5.56 -13.23
CA ALA G 35 -22.33 -4.91 -12.57
C ALA G 35 -22.70 -3.60 -11.86
N PRO G 36 -23.26 -2.60 -12.57
CA PRO G 36 -23.52 -1.29 -11.96
C PRO G 36 -24.60 -1.34 -10.88
N VAL G 37 -25.56 -2.24 -11.04
CA VAL G 37 -26.63 -2.46 -10.04
C VAL G 37 -25.95 -3.01 -8.79
N TYR G 38 -25.17 -4.08 -8.97
CA TYR G 38 -24.47 -4.73 -7.83
C TYR G 38 -23.61 -3.69 -7.12
N LEU G 39 -22.80 -2.96 -7.88
CA LEU G 39 -21.84 -1.98 -7.34
C LEU G 39 -22.63 -0.87 -6.65
N ALA G 40 -23.64 -0.32 -7.32
CA ALA G 40 -24.42 0.80 -6.75
C ALA G 40 -25.05 0.31 -5.45
N ALA G 41 -25.42 -0.97 -5.38
CA ALA G 41 -26.08 -1.54 -4.18
C ALA G 41 -25.07 -1.64 -3.04
N VAL G 42 -23.84 -2.02 -3.38
CA VAL G 42 -22.76 -2.20 -2.37
C VAL G 42 -22.39 -0.82 -1.82
N LEU G 43 -22.33 0.19 -2.67
CA LEU G 43 -22.04 1.59 -2.26
C LEU G 43 -23.19 2.12 -1.41
N GLU G 44 -24.44 1.82 -1.78
CA GLU G 44 -25.61 2.19 -0.95
C GLU G 44 -25.51 1.45 0.40
N TYR G 45 -25.30 0.13 0.39
CA TYR G 45 -25.16 -0.62 1.67
C TYR G 45 -24.16 0.09 2.59
N LEU G 46 -22.93 0.34 2.11
CA LEU G 46 -21.83 0.87 2.97
C LEU G 46 -22.15 2.29 3.42
N THR G 47 -22.84 3.08 2.58
CA THR G 47 -23.31 4.45 2.92
C THR G 47 -24.37 4.38 4.04
N ALA G 48 -25.27 3.42 4.00
CA ALA G 48 -26.31 3.28 5.04
C ALA G 48 -25.63 2.96 6.38
N GLU G 49 -24.69 2.01 6.35
CA GLU G 49 -23.97 1.49 7.53
C GLU G 49 -23.24 2.63 8.24
N ILE G 50 -22.46 3.41 7.49
CA ILE G 50 -21.74 4.59 8.04
C ILE G 50 -22.78 5.55 8.62
N LEU G 51 -23.79 5.91 7.81
CA LEU G 51 -24.74 6.98 8.19
C LEU G 51 -25.54 6.52 9.42
N GLU G 52 -25.91 5.24 9.48
CA GLU G 52 -26.57 4.64 10.68
C GLU G 52 -25.71 4.98 11.88
N LEU G 53 -24.47 4.48 11.92
CA LEU G 53 -23.60 4.63 13.13
C LEU G 53 -23.34 6.12 13.37
N ALA G 54 -23.16 6.89 12.32
CA ALA G 54 -22.76 8.32 12.44
C ALA G 54 -23.95 9.14 12.96
N GLY G 55 -25.13 8.86 12.42
CA GLY G 55 -26.43 9.28 12.99
C GLY G 55 -26.48 9.07 14.50
N ASN G 56 -26.21 7.84 14.95
CA ASN G 56 -26.19 7.49 16.40
C ASN G 56 -25.19 8.46 17.08
N ALA G 57 -24.02 8.63 16.49
CA ALA G 57 -22.95 9.44 17.11
C ALA G 57 -23.47 10.88 17.27
N ALA G 58 -24.32 11.32 16.33
CA ALA G 58 -24.93 12.68 16.33
C ALA G 58 -25.92 12.83 17.49
N ARG G 59 -26.73 11.81 17.77
CA ARG G 59 -27.66 11.78 18.94
C ARG G 59 -26.84 11.74 20.24
N ASP G 60 -25.92 10.79 20.38
CA ASP G 60 -25.07 10.63 21.60
C ASP G 60 -24.37 11.95 21.90
N ASN G 61 -24.32 12.87 20.93
CA ASN G 61 -23.62 14.18 21.02
C ASN G 61 -24.67 15.30 21.09
N LYS G 62 -25.95 14.96 21.21
CA LYS G 62 -27.08 15.93 21.35
C LYS G 62 -27.10 16.89 20.15
N LYS G 63 -26.82 16.39 18.94
CA LYS G 63 -26.82 17.17 17.68
C LYS G 63 -27.77 16.55 16.64
N THR G 64 -28.44 17.37 15.84
CA THR G 64 -29.40 16.87 14.81
C THR G 64 -28.70 16.75 13.45
N ARG G 65 -27.52 17.35 13.29
CA ARG G 65 -26.75 17.31 12.01
C ARG G 65 -25.39 16.60 12.18
N ILE G 66 -25.18 15.52 11.43
CA ILE G 66 -23.87 14.79 11.28
C ILE G 66 -22.78 15.76 10.80
N ILE G 67 -21.71 15.90 11.59
CA ILE G 67 -20.44 16.60 11.19
C ILE G 67 -19.37 15.54 11.02
N PRO G 68 -18.20 15.88 10.44
CA PRO G 68 -17.12 14.91 10.26
C PRO G 68 -16.74 14.09 11.49
N ARG G 69 -16.73 14.69 12.68
CA ARG G 69 -16.36 14.02 13.95
C ARG G 69 -17.29 12.83 14.17
N HIS G 70 -18.58 13.01 13.95
CA HIS G 70 -19.59 11.93 14.10
C HIS G 70 -19.13 10.75 13.24
N LEU G 71 -18.66 11.03 12.02
CA LEU G 71 -18.26 9.97 11.05
C LEU G 71 -16.98 9.29 11.56
N GLN G 72 -16.05 10.07 12.06
CA GLN G 72 -14.77 9.53 12.61
C GLN G 72 -15.13 8.62 13.77
N LEU G 73 -15.88 9.13 14.75
CA LEU G 73 -16.38 8.34 15.92
C LEU G 73 -17.01 7.04 15.40
N ALA G 74 -17.83 7.13 14.38
CA ALA G 74 -18.62 5.99 13.88
C ALA G 74 -17.67 4.97 13.25
N ILE G 75 -16.69 5.43 12.47
CA ILE G 75 -15.75 4.53 11.73
C ILE G 75 -14.72 3.89 12.70
N ARG G 76 -14.12 4.63 13.62
CA ARG G 76 -13.00 4.11 14.45
C ARG G 76 -13.49 3.25 15.62
N ASN G 77 -14.77 3.32 15.98
CA ASN G 77 -15.37 2.44 17.02
C ASN G 77 -15.86 1.13 16.42
N ASP G 78 -16.18 1.07 15.13
CA ASP G 78 -16.53 -0.20 14.42
C ASP G 78 -15.26 -0.89 13.92
N GLU G 79 -15.00 -2.10 14.41
CA GLU G 79 -13.85 -2.93 14.00
C GLU G 79 -13.74 -2.95 12.47
N GLU G 80 -14.83 -3.26 11.75
CA GLU G 80 -14.74 -3.60 10.31
C GLU G 80 -14.62 -2.33 9.45
N LEU G 81 -15.34 -1.25 9.76
CA LEU G 81 -15.17 0.04 9.05
C LEU G 81 -13.75 0.59 9.28
N ASN G 82 -13.26 0.58 10.53
CA ASN G 82 -11.89 0.99 10.92
C ASN G 82 -10.89 0.26 10.02
N LYS G 83 -11.11 -1.03 9.73
CA LYS G 83 -10.19 -1.82 8.89
C LYS G 83 -10.33 -1.35 7.45
N LEU G 84 -11.55 -1.27 6.92
CA LEU G 84 -11.79 -0.83 5.51
C LEU G 84 -11.15 0.54 5.26
N LEU G 85 -11.18 1.42 6.26
CA LEU G 85 -10.71 2.82 6.20
C LEU G 85 -9.45 2.98 7.05
N GLY G 86 -8.67 1.90 7.20
CA GLY G 86 -7.41 1.86 7.99
C GLY G 86 -6.35 2.85 7.49
N ARG G 87 -6.33 3.19 6.19
CA ARG G 87 -5.36 4.13 5.58
C ARG G 87 -6.09 5.33 4.98
N VAL G 88 -7.11 5.83 5.68
CA VAL G 88 -7.90 7.04 5.29
C VAL G 88 -7.93 8.00 6.48
N THR G 89 -7.66 9.26 6.21
CA THR G 89 -7.79 10.41 7.11
C THR G 89 -9.11 11.09 6.74
N ILE G 90 -9.97 11.21 7.74
CA ILE G 90 -11.25 11.95 7.73
C ILE G 90 -10.92 13.35 8.23
N ALA G 91 -10.84 14.33 7.32
CA ALA G 91 -10.62 15.75 7.65
C ALA G 91 -11.52 16.17 8.81
N GLN G 92 -10.99 16.91 9.80
CA GLN G 92 -11.74 17.53 10.93
C GLN G 92 -12.37 16.39 11.74
N GLY G 93 -11.67 15.25 11.75
CA GLY G 93 -12.16 14.00 12.36
C GLY G 93 -11.73 13.87 13.82
N GLY G 94 -10.56 14.40 14.16
CA GLY G 94 -9.92 14.12 15.45
C GLY G 94 -9.64 12.64 15.65
N VAL G 95 -9.37 12.27 16.90
CA VAL G 95 -9.05 10.87 17.29
C VAL G 95 -10.03 10.39 18.37
N LEU G 96 -10.01 9.09 18.67
CA LEU G 96 -10.79 8.57 19.81
C LEU G 96 -10.08 8.98 21.09
N PRO G 97 -10.82 9.41 22.13
CA PRO G 97 -10.25 9.59 23.46
C PRO G 97 -9.61 8.28 23.92
N ASN G 98 -8.33 8.33 24.23
CA ASN G 98 -7.58 7.09 24.56
C ASN G 98 -6.21 7.46 25.13
N ILE G 99 -6.12 7.45 26.48
CA ILE G 99 -4.87 7.58 27.30
C ILE G 99 -4.38 6.18 27.69
N GLN G 100 -3.09 5.95 27.54
CA GLN G 100 -2.41 4.71 27.98
C GLN G 100 -2.41 4.65 29.52
N ALA G 101 -2.80 3.50 30.05
CA ALA G 101 -3.03 3.27 31.48
C ALA G 101 -1.87 3.85 32.31
N VAL G 102 -0.62 3.46 32.00
CA VAL G 102 0.59 3.80 32.81
C VAL G 102 0.71 5.32 32.94
N LEU G 103 -0.04 6.10 32.16
CA LEU G 103 0.10 7.58 32.12
C LEU G 103 -0.83 8.20 33.16
N LEU G 104 -1.87 7.47 33.56
CA LEU G 104 -2.87 7.94 34.57
C LEU G 104 -2.20 7.99 35.93
N PRO G 105 -2.62 8.92 36.82
CA PRO G 105 -1.95 9.11 38.10
C PRO G 105 -2.13 7.91 39.04
N LYS G 106 -1.26 7.78 40.05
CA LYS G 106 -1.28 6.62 40.99
C LYS G 106 -2.50 6.74 41.92
N ARG H 1 -21.07 35.04 -14.64
CA ARG H 1 -21.65 33.85 -13.95
C ARG H 1 -22.39 32.97 -14.97
N LYS H 2 -21.81 31.81 -15.32
CA LYS H 2 -22.33 30.83 -16.32
C LYS H 2 -22.37 29.44 -15.68
N ARG H 3 -22.67 29.36 -14.37
CA ARG H 3 -22.94 28.11 -13.60
C ARG H 3 -21.64 27.28 -13.44
N SER H 4 -21.38 26.31 -14.34
CA SER H 4 -20.23 25.36 -14.34
C SER H 4 -20.56 24.11 -13.50
N ARG H 5 -20.73 22.95 -14.14
CA ARG H 5 -21.49 21.79 -13.59
C ARG H 5 -20.57 20.70 -13.03
N LYS H 6 -20.67 20.41 -11.72
CA LYS H 6 -19.87 19.39 -11.02
C LYS H 6 -20.79 18.42 -10.24
N GLU H 7 -20.79 17.14 -10.65
CA GLU H 7 -21.58 16.05 -10.01
C GLU H 7 -20.98 15.63 -8.66
N SER H 8 -21.85 15.19 -7.77
CA SER H 8 -21.55 14.46 -6.51
C SER H 8 -22.67 13.47 -6.20
N TYR H 9 -22.45 12.60 -5.21
CA TYR H 9 -23.46 11.63 -4.72
C TYR H 9 -24.35 12.25 -3.63
N SER H 10 -24.24 13.56 -3.35
CA SER H 10 -24.90 14.18 -2.17
C SER H 10 -26.40 13.84 -2.15
N ILE H 11 -27.08 13.91 -3.29
CA ILE H 11 -28.56 13.65 -3.33
C ILE H 11 -28.79 12.25 -2.73
N TYR H 12 -28.06 11.26 -3.23
CA TYR H 12 -28.22 9.84 -2.82
C TYR H 12 -27.83 9.64 -1.36
N VAL H 13 -26.89 10.44 -0.85
CA VAL H 13 -26.46 10.31 0.57
C VAL H 13 -27.59 10.82 1.46
N TYR H 14 -28.30 11.87 1.05
CA TYR H 14 -29.52 12.36 1.73
C TYR H 14 -30.61 11.27 1.67
N LYS H 15 -30.93 10.76 0.49
CA LYS H 15 -32.00 9.74 0.38
C LYS H 15 -31.74 8.64 1.42
N VAL H 16 -30.49 8.23 1.59
CA VAL H 16 -30.16 7.09 2.49
C VAL H 16 -30.20 7.58 3.93
N LEU H 17 -29.69 8.79 4.19
CA LEU H 17 -29.71 9.34 5.56
C LEU H 17 -31.18 9.33 6.04
N LYS H 18 -32.12 9.77 5.19
CA LYS H 18 -33.57 9.84 5.51
C LYS H 18 -34.15 8.45 5.79
N GLN H 19 -33.72 7.40 5.08
CA GLN H 19 -34.10 6.01 5.40
C GLN H 19 -33.62 5.73 6.83
N VAL H 20 -32.31 5.70 7.06
CA VAL H 20 -31.70 5.15 8.31
C VAL H 20 -31.99 6.06 9.52
N HIS H 21 -32.16 7.36 9.29
CA HIS H 21 -32.25 8.38 10.36
C HIS H 21 -33.06 9.56 9.84
N PRO H 22 -34.41 9.43 9.80
CA PRO H 22 -35.27 10.38 9.10
C PRO H 22 -35.28 11.81 9.64
N ASP H 23 -34.90 12.03 10.90
CA ASP H 23 -35.05 13.38 11.52
C ASP H 23 -33.67 14.05 11.67
N THR H 24 -32.59 13.47 11.12
CA THR H 24 -31.22 14.07 11.24
C THR H 24 -30.70 14.49 9.85
N GLY H 25 -29.85 15.51 9.85
CA GLY H 25 -29.20 16.08 8.64
C GLY H 25 -27.68 15.96 8.68
N ILE H 26 -26.98 16.79 7.89
CA ILE H 26 -25.52 16.62 7.63
C ILE H 26 -24.89 17.93 7.17
N SER H 27 -23.77 18.33 7.78
CA SER H 27 -22.96 19.51 7.35
C SER H 27 -22.35 19.22 5.98
N SER H 28 -22.02 20.28 5.25
CA SER H 28 -21.44 20.17 3.87
C SER H 28 -20.08 19.47 3.94
N LYS H 29 -19.28 19.72 4.98
CA LYS H 29 -17.97 19.04 5.20
C LYS H 29 -18.22 17.53 5.35
N ALA H 30 -19.18 17.14 6.21
CA ALA H 30 -19.54 15.72 6.44
C ALA H 30 -19.99 15.12 5.11
N MET H 31 -20.68 15.90 4.26
CA MET H 31 -21.12 15.44 2.91
C MET H 31 -19.89 15.24 2.01
N GLY H 32 -18.87 16.08 2.18
CA GLY H 32 -17.57 15.96 1.49
C GLY H 32 -16.91 14.64 1.81
N ILE H 33 -16.85 14.32 3.09
CA ILE H 33 -16.33 13.03 3.58
C ILE H 33 -17.09 11.85 2.95
N MET H 34 -18.42 11.89 2.94
CA MET H 34 -19.27 10.78 2.40
C MET H 34 -19.03 10.66 0.89
N ASN H 35 -18.85 11.80 0.23
CA ASN H 35 -18.48 11.87 -1.21
C ASN H 35 -17.09 11.26 -1.47
N SER H 36 -16.06 11.66 -0.72
CA SER H 36 -14.70 11.01 -0.74
C SER H 36 -14.87 9.49 -0.54
N PHE H 37 -15.72 9.09 0.40
CA PHE H 37 -15.85 7.67 0.79
C PHE H 37 -16.38 6.89 -0.41
N VAL H 38 -17.49 7.36 -0.99
CA VAL H 38 -18.17 6.64 -2.10
C VAL H 38 -17.20 6.51 -3.28
N ASN H 39 -16.58 7.61 -3.71
CA ASN H 39 -15.60 7.61 -4.85
C ASN H 39 -14.48 6.61 -4.53
N ASP H 40 -14.03 6.56 -3.27
CA ASP H 40 -12.87 5.73 -2.85
C ASP H 40 -13.26 4.27 -3.06
N ILE H 41 -14.36 3.82 -2.43
CA ILE H 41 -14.78 2.40 -2.49
C ILE H 41 -15.08 2.04 -3.93
N PHE H 42 -15.74 2.93 -4.68
CA PHE H 42 -15.95 2.76 -6.14
C PHE H 42 -14.62 2.35 -6.77
N GLU H 43 -13.60 3.22 -6.69
CA GLU H 43 -12.29 2.98 -7.34
C GLU H 43 -11.74 1.64 -6.85
N ARG H 44 -11.84 1.35 -5.54
CA ARG H 44 -11.23 0.11 -4.99
C ARG H 44 -11.87 -1.12 -5.59
N ILE H 45 -13.21 -1.15 -5.65
CA ILE H 45 -13.94 -2.36 -6.14
C ILE H 45 -13.74 -2.50 -7.64
N ALA H 46 -13.99 -1.42 -8.41
CA ALA H 46 -13.75 -1.37 -9.88
C ALA H 46 -12.33 -1.83 -10.20
N GLY H 47 -11.34 -1.23 -9.53
CA GLY H 47 -9.91 -1.60 -9.69
C GLY H 47 -9.71 -3.10 -9.58
N GLU H 48 -10.21 -3.67 -8.49
CA GLU H 48 -10.07 -5.12 -8.21
C GLU H 48 -10.80 -5.89 -9.29
N ALA H 49 -11.99 -5.43 -9.65
CA ALA H 49 -12.84 -6.06 -10.69
C ALA H 49 -12.09 -6.06 -12.00
N SER H 50 -11.51 -4.89 -12.34
CA SER H 50 -10.59 -4.69 -13.50
C SER H 50 -9.48 -5.75 -13.48
N ARG H 51 -8.80 -5.94 -12.35
CA ARG H 51 -7.68 -6.92 -12.32
C ARG H 51 -8.22 -8.34 -12.48
N LEU H 52 -9.34 -8.66 -11.81
CA LEU H 52 -10.01 -10.00 -11.90
C LEU H 52 -10.26 -10.34 -13.38
N ALA H 53 -10.83 -9.42 -14.16
CA ALA H 53 -11.13 -9.61 -15.59
C ALA H 53 -9.84 -9.88 -16.38
N HIS H 54 -8.83 -9.01 -16.27
CA HIS H 54 -7.50 -9.19 -16.94
C HIS H 54 -6.91 -10.56 -16.59
N TYR H 55 -6.85 -10.95 -15.32
CA TYR H 55 -6.14 -12.20 -14.94
C TYR H 55 -6.85 -13.37 -15.63
N ASN H 56 -8.15 -13.27 -15.85
CA ASN H 56 -8.98 -14.37 -16.43
C ASN H 56 -9.28 -14.08 -17.90
N LYS H 57 -8.41 -13.31 -18.58
CA LYS H 57 -8.46 -13.09 -20.03
C LYS H 57 -9.94 -12.89 -20.46
N ARG H 58 -10.60 -11.92 -19.83
CA ARG H 58 -12.03 -11.63 -20.04
C ARG H 58 -12.20 -10.13 -20.23
N SER H 59 -13.05 -9.78 -21.21
CA SER H 59 -13.23 -8.44 -21.80
C SER H 59 -14.24 -7.68 -20.96
N THR H 60 -14.98 -8.41 -20.10
CA THR H 60 -16.22 -7.91 -19.46
C THR H 60 -16.12 -7.97 -17.92
N ILE H 61 -16.37 -6.84 -17.25
CA ILE H 61 -16.60 -6.83 -15.78
C ILE H 61 -18.09 -7.00 -15.58
N THR H 62 -18.49 -8.22 -15.19
CA THR H 62 -19.87 -8.58 -14.76
C THR H 62 -20.04 -8.42 -13.25
N SER H 63 -21.27 -8.60 -12.76
CA SER H 63 -21.61 -8.56 -11.32
C SER H 63 -20.78 -9.63 -10.59
N ARG H 64 -20.37 -10.68 -11.28
CA ARG H 64 -19.53 -11.74 -10.67
C ARG H 64 -18.16 -11.14 -10.29
N GLU H 65 -17.48 -10.44 -11.19
CA GLU H 65 -16.23 -9.70 -10.87
C GLU H 65 -16.53 -8.69 -9.74
N ILE H 66 -17.63 -7.95 -9.80
CA ILE H 66 -17.95 -7.00 -8.68
C ILE H 66 -18.05 -7.79 -7.38
N GLN H 67 -18.53 -9.03 -7.46
CA GLN H 67 -18.85 -9.76 -6.22
C GLN H 67 -17.51 -10.20 -5.62
N THR H 68 -16.67 -10.85 -6.44
CA THR H 68 -15.35 -11.33 -6.02
C THR H 68 -14.53 -10.13 -5.53
N ALA H 69 -14.63 -8.99 -6.21
CA ALA H 69 -13.96 -7.75 -5.76
C ALA H 69 -14.39 -7.49 -4.33
N VAL H 70 -15.69 -7.54 -4.07
CA VAL H 70 -16.22 -7.14 -2.75
C VAL H 70 -15.72 -8.16 -1.73
N ARG H 71 -15.56 -9.42 -2.14
CA ARG H 71 -15.10 -10.47 -1.20
C ARG H 71 -13.64 -10.19 -0.84
N LEU H 72 -12.80 -9.76 -1.79
CA LEU H 72 -11.37 -9.46 -1.51
C LEU H 72 -11.30 -8.17 -0.69
N LEU H 73 -12.21 -7.23 -0.88
CA LEU H 73 -11.98 -5.85 -0.43
C LEU H 73 -12.54 -5.62 0.98
N LEU H 74 -13.75 -6.10 1.24
CA LEU H 74 -14.48 -5.81 2.48
C LEU H 74 -14.16 -6.89 3.49
N PRO H 75 -13.97 -6.52 4.77
CA PRO H 75 -13.88 -7.51 5.84
C PRO H 75 -15.16 -8.35 6.05
N GLY H 76 -14.99 -9.53 6.62
CA GLY H 76 -15.97 -10.62 6.79
C GLY H 76 -17.43 -10.20 6.73
N GLU H 77 -17.92 -9.49 7.73
CA GLU H 77 -19.38 -9.32 7.97
C GLU H 77 -19.91 -8.30 6.94
N LEU H 78 -19.21 -7.18 6.80
CA LEU H 78 -19.46 -6.12 5.77
C LEU H 78 -19.54 -6.76 4.37
N ALA H 79 -18.69 -7.75 4.11
CA ALA H 79 -18.66 -8.45 2.81
C ALA H 79 -19.93 -9.29 2.62
N LYS H 80 -20.30 -10.11 3.60
CA LYS H 80 -21.54 -10.96 3.55
C LYS H 80 -22.75 -10.05 3.31
N HIS H 81 -22.89 -8.98 4.09
CA HIS H 81 -24.00 -8.02 3.91
C HIS H 81 -23.95 -7.49 2.47
N ALA H 82 -22.85 -6.83 2.08
CA ALA H 82 -22.66 -6.27 0.71
C ALA H 82 -23.05 -7.29 -0.34
N VAL H 83 -22.57 -8.52 -0.23
CA VAL H 83 -22.88 -9.63 -1.18
C VAL H 83 -24.39 -9.87 -1.22
N SER H 84 -25.07 -9.75 -0.07
CA SER H 84 -26.55 -9.90 0.05
C SER H 84 -27.23 -8.75 -0.68
N GLU H 85 -26.93 -7.53 -0.26
CA GLU H 85 -27.52 -6.30 -0.85
C GLU H 85 -27.28 -6.32 -2.37
N GLY H 86 -26.13 -6.83 -2.79
CA GLY H 86 -25.71 -6.88 -4.20
C GLY H 86 -26.52 -7.90 -4.98
N THR H 87 -26.50 -9.16 -4.53
CA THR H 87 -27.26 -10.27 -5.16
C THR H 87 -28.75 -9.89 -5.20
N LYS H 88 -29.31 -9.44 -4.07
CA LYS H 88 -30.75 -9.05 -3.97
C LYS H 88 -31.08 -8.06 -5.09
N ALA H 89 -30.39 -6.93 -5.16
CA ALA H 89 -30.67 -5.81 -6.08
C ALA H 89 -30.56 -6.24 -7.56
N VAL H 90 -29.74 -7.25 -7.86
CA VAL H 90 -29.57 -7.77 -9.25
C VAL H 90 -30.75 -8.69 -9.58
N THR H 91 -31.06 -9.65 -8.71
CA THR H 91 -32.31 -10.44 -8.71
C THR H 91 -33.49 -9.49 -8.96
N LYS H 92 -33.75 -8.51 -8.07
CA LYS H 92 -34.91 -7.59 -8.14
C LYS H 92 -34.95 -6.81 -9.47
N TYR H 93 -33.77 -6.52 -10.05
CA TYR H 93 -33.59 -5.67 -11.24
C TYR H 93 -33.87 -6.47 -12.52
N THR H 94 -33.45 -7.74 -12.60
CA THR H 94 -33.74 -8.64 -13.74
C THR H 94 -35.24 -9.01 -13.75
N SER H 95 -35.84 -9.21 -12.57
CA SER H 95 -37.26 -9.61 -12.40
C SER H 95 -38.19 -8.47 -12.82
N ALA H 96 -37.66 -7.25 -12.95
CA ALA H 96 -38.42 -6.04 -13.35
C ALA H 96 -38.00 -5.63 -14.77
N LYS H 97 -37.62 -6.61 -15.60
CA LYS H 97 -37.12 -6.42 -17.00
C LYS H 97 -38.20 -5.74 -17.84
#